data_3WFB
#
_entry.id   3WFB
#
_cell.length_a   90.763
_cell.length_b   110.644
_cell.length_c   193.546
_cell.angle_alpha   90.00
_cell.angle_beta   90.00
_cell.angle_gamma   90.00
#
_symmetry.space_group_name_H-M   'P 21 21 21'
#
loop_
_entity.id
_entity.type
_entity.pdbx_description
1 polymer 'antibody fab fragment light chain'
2 polymer 'antibody fab fragment heavy chain'
3 polymer 'Nitric oxide reductase subunit B'
4 polymer 'Nitric oxide reductase subunit C'
5 non-polymer 'PROTOPORPHYRIN IX CONTAINING FE'
6 non-polymer 'FE (III) ION'
7 non-polymer 'CHLORIDE ION'
8 non-polymer 'CALCIUM ION'
9 non-polymer 'HEME C'
10 water water
#
loop_
_entity_poly.entity_id
_entity_poly.type
_entity_poly.pdbx_seq_one_letter_code
_entity_poly.pdbx_strand_id
1 'polypeptide(L)'
;DIQMTQSPPYLAASPGETITINCRASKSIRKYLAWYQEKPGKTNKLLIYSGSTLQFGIPSRFSGSGSGTEFTLTISSLEP
EDFAMYYCQQHNEYPLTFGAGTKLELKRADAAPTVSIFPPSSEQLTSGGASVVCFLNNFYPKDINVKWKIDGSERQNGVL
NSWTDQDSKDSTYSMSSTLTLTKDEYERHNSYTCEATHKTSTSPIVKSFNRNE
;
L
2 'polypeptide(L)'
;EVQLQQSGTVLARPGASVKMSCKASGYSFTSYWMHWVKQRPGQGLEWIGAVYPGNSDTSYNQKFKGKAKLTAVTSASTAY
MELSSLTNEDSAVYYCSRSSLDGYYVKNWCFDVWGQGTTVTVSSAKTTAPSVYPLAPVCGDTTGSSVTLGCLVKGYFPEP
VTLTWNSGSLSSGVHTFPAVLQSDLYTLSSSVTVTSSTRPSQSITCNVAHPASSTKVDKKIEPRG
;
H
3 'polypeptide(L)'
;MMSPNGSLKFASQAVAKPYFVFALILFVGQILFGLIMGLQYVVGDFLFPAIPFNVARMVHTNLLIVWLLFGFMGAAYYLV
PEESDCELYSPKLAWILFWVFAAAGVLTILGYLLVPYAGLARLTGNELWPTMGREFLEQPTISKAGIVIVALGFLFNVGM
TVLRGRKTAISMVLMTGLIGLALLFLFSFYNPENLTRDKFYWWWVVHLWVEGVWELIMGAILAFVLVKITGVDREVIEKW
LYVIIAMALISGIIGTGHHYFWIGVPGYWLWLGSVFSALEPLPFFAMVLFAFNTINRRRRDYPNRAVALWAMGTTVMAFL
GAGVWGFMHTLAPVNYYTHGTQLTAAHGHMAFYGAYAMIVMTIISYAMPRLRGIGEAMDNRSQVLEMWGFWLMTVAMVFI
TLFLSAAGVLQVWLQRMPADGAAMTFMATQDQLAIFYWLREGAGVVFLIGLVAYLLSFRRGKAAA
;
B
4 'polypeptide(L)'
;MSETFTKGMARNIYFGGSVFFILLFLALTYHTEKTLPERTNEAAMSAAVVRGKLVWEQNNCVGCHTLLGEGAYFAPELGN
VVGRRGGEEGFNTFLQAWMKIQPLNVPGRRAMPQFHLSEGQVDDLAEFLKWSSKIDTNQWPPNKEG
;
C
#
loop_
_chem_comp.id
_chem_comp.type
_chem_comp.name
_chem_comp.formula
CA non-polymer 'CALCIUM ION' 'Ca 2'
CL non-polymer 'CHLORIDE ION' 'Cl -1'
FE non-polymer 'FE (III) ION' 'Fe 3'
HEC non-polymer 'HEME C' 'C34 H34 Fe N4 O4'
HEM non-polymer 'PROTOPORPHYRIN IX CONTAINING FE' 'C34 H32 Fe N4 O4'
#
# COMPACT_ATOMS: atom_id res chain seq x y z
N ASP A 1 -10.23 -27.52 6.56
CA ASP A 1 -10.60 -26.74 5.36
C ASP A 1 -12.01 -26.19 5.51
N ILE A 2 -12.29 -25.07 4.84
CA ILE A 2 -13.67 -24.60 4.70
C ILE A 2 -14.08 -24.87 3.24
N GLN A 3 -15.26 -25.42 3.02
CA GLN A 3 -15.68 -25.70 1.64
C GLN A 3 -16.83 -24.80 1.18
N MET A 4 -16.94 -24.63 -0.13
CA MET A 4 -17.81 -23.64 -0.65
C MET A 4 -18.74 -24.24 -1.66
N THR A 5 -20.03 -23.97 -1.50
CA THR A 5 -21.00 -24.46 -2.46
C THR A 5 -21.67 -23.29 -3.18
N GLN A 6 -21.67 -23.35 -4.50
CA GLN A 6 -22.29 -22.30 -5.27
C GLN A 6 -23.60 -22.72 -5.83
N SER A 7 -24.57 -21.84 -5.84
CA SER A 7 -25.88 -22.20 -6.40
C SER A 7 -26.51 -21.02 -7.11
N PRO A 8 -27.22 -21.25 -8.19
CA PRO A 8 -27.34 -22.54 -8.82
C PRO A 8 -26.04 -22.87 -9.56
N PRO A 9 -25.93 -24.03 -10.20
CA PRO A 9 -24.70 -24.28 -10.93
C PRO A 9 -24.72 -23.63 -12.28
N TYR A 10 -25.91 -23.30 -12.76
CA TYR A 10 -26.06 -22.58 -14.00
C TYR A 10 -27.41 -21.86 -13.89
N LEU A 11 -27.61 -20.89 -14.76
CA LEU A 11 -28.75 -20.00 -14.68
C LEU A 11 -28.87 -19.27 -16.04
N ALA A 12 -30.09 -19.22 -16.58
CA ALA A 12 -30.34 -18.48 -17.81
C ALA A 12 -31.00 -17.13 -17.53
N ALA A 13 -30.60 -16.08 -18.26
CA ALA A 13 -31.35 -14.83 -18.17
C ALA A 13 -31.14 -13.96 -19.39
N SER A 14 -31.78 -12.82 -19.43
CA SER A 14 -31.76 -11.99 -20.62
C SER A 14 -31.18 -10.63 -20.33
N PRO A 15 -30.62 -9.97 -21.36
CA PRO A 15 -30.06 -8.62 -21.18
C PRO A 15 -31.13 -7.76 -20.57
N GLY A 16 -30.82 -7.03 -19.49
CA GLY A 16 -31.77 -6.09 -18.93
C GLY A 16 -32.24 -6.56 -17.59
N GLU A 17 -32.22 -7.86 -17.38
CA GLU A 17 -32.78 -8.44 -16.16
C GLU A 17 -31.82 -8.35 -14.99
N THR A 18 -32.25 -8.84 -13.83
CA THR A 18 -31.43 -8.84 -12.61
C THR A 18 -31.36 -10.26 -12.15
N ILE A 19 -30.17 -10.70 -11.80
CA ILE A 19 -30.03 -12.04 -11.34
C ILE A 19 -29.24 -11.98 -10.04
N THR A 20 -29.33 -13.05 -9.28
CA THR A 20 -28.62 -13.12 -8.04
C THR A 20 -28.19 -14.53 -7.78
N ILE A 21 -26.93 -14.71 -7.42
CA ILE A 21 -26.40 -16.03 -7.27
C ILE A 21 -25.78 -16.21 -5.89
N ASN A 22 -25.57 -17.46 -5.49
CA ASN A 22 -25.33 -17.79 -4.09
C ASN A 22 -24.04 -18.46 -3.81
N CYS A 23 -23.50 -18.22 -2.62
CA CYS A 23 -22.24 -18.85 -2.27
C CYS A 23 -22.32 -19.09 -0.77
N ARG A 24 -22.19 -20.36 -0.39
CA ARG A 24 -22.27 -20.77 1.01
C ARG A 24 -20.97 -21.40 1.48
N ALA A 25 -20.56 -21.05 2.70
CA ALA A 25 -19.32 -21.54 3.29
C ALA A 25 -19.58 -22.57 4.35
N SER A 26 -18.77 -23.61 4.41
CA SER A 26 -19.00 -24.72 5.32
C SER A 26 -18.91 -24.25 6.75
N LYS A 27 -18.21 -23.16 6.96
CA LYS A 27 -18.17 -22.55 8.26
C LYS A 27 -17.84 -21.08 8.06
N SER A 28 -17.91 -20.29 9.13
CA SER A 28 -17.79 -18.83 9.05
C SER A 28 -16.47 -18.39 8.45
N ILE A 29 -16.57 -17.66 7.33
CA ILE A 29 -15.44 -16.94 6.75
C ILE A 29 -15.48 -15.45 7.08
N ARG A 30 -16.38 -15.07 8.00
CA ARG A 30 -16.57 -13.67 8.40
C ARG A 30 -17.03 -12.85 7.20
N LYS A 31 -16.29 -11.81 6.81
CA LYS A 31 -16.71 -10.97 5.68
C LYS A 31 -15.91 -11.24 4.43
N TYR A 32 -14.96 -12.18 4.53
CA TYR A 32 -13.96 -12.33 3.48
C TYR A 32 -14.29 -13.29 2.36
N LEU A 33 -15.12 -12.81 1.44
CA LEU A 33 -15.42 -13.55 0.23
C LEU A 33 -15.22 -12.66 -1.02
N ALA A 34 -14.64 -13.25 -2.08
CA ALA A 34 -14.41 -12.59 -3.35
C ALA A 34 -15.07 -13.32 -4.56
N TRP A 35 -15.25 -12.66 -5.71
CA TRP A 35 -15.92 -13.35 -6.82
C TRP A 35 -15.11 -12.97 -7.98
N TYR A 36 -14.98 -13.92 -8.93
CA TYR A 36 -14.23 -13.71 -10.18
C TYR A 36 -15.12 -13.99 -11.40
N GLN A 37 -14.82 -13.36 -12.53
CA GLN A 37 -15.61 -13.61 -13.72
C GLN A 37 -14.63 -14.26 -14.62
N GLU A 38 -15.09 -15.38 -15.24
CA GLU A 38 -14.27 -16.11 -16.22
C GLU A 38 -14.90 -16.12 -17.62
N LYS A 39 -14.13 -15.70 -18.61
CA LYS A 39 -14.64 -15.59 -19.97
C LYS A 39 -13.57 -16.22 -20.90
N PRO A 40 -14.01 -16.80 -22.03
CA PRO A 40 -13.01 -17.47 -22.87
C PRO A 40 -12.05 -16.44 -23.47
N GLY A 41 -10.76 -16.78 -23.48
CA GLY A 41 -9.76 -15.94 -24.09
C GLY A 41 -9.53 -14.60 -23.39
N LYS A 42 -9.90 -14.52 -22.12
CA LYS A 42 -9.66 -13.36 -21.28
C LYS A 42 -9.15 -13.93 -19.97
N THR A 43 -8.26 -13.23 -19.23
CA THR A 43 -7.79 -13.68 -17.88
C THR A 43 -8.83 -13.35 -16.86
N ASN A 44 -8.85 -14.14 -15.78
CA ASN A 44 -9.94 -14.03 -14.80
C ASN A 44 -9.94 -12.68 -14.14
N LYS A 45 -11.14 -12.17 -13.91
CA LYS A 45 -11.35 -10.80 -13.46
C LYS A 45 -11.97 -10.76 -12.05
N LEU A 46 -11.24 -10.15 -11.09
CA LEU A 46 -11.78 -9.81 -9.74
C LEU A 46 -12.94 -8.82 -9.85
N LEU A 47 -14.05 -9.13 -9.15
CA LEU A 47 -15.24 -8.31 -9.21
C LEU A 47 -15.54 -7.58 -7.88
N ILE A 48 -15.62 -8.36 -6.83
CA ILE A 48 -15.87 -7.90 -5.49
C ILE A 48 -14.98 -8.70 -4.53
N TYR A 49 -14.55 -8.08 -3.45
CA TYR A 49 -13.79 -8.81 -2.43
C TYR A 49 -14.36 -8.31 -1.09
N SER A 50 -13.98 -9.02 -0.03
CA SER A 50 -14.53 -8.77 1.32
C SER A 50 -16.05 -8.66 1.29
N GLY A 51 -16.68 -9.46 0.46
CA GLY A 51 -18.11 -9.62 0.58
C GLY A 51 -18.84 -8.59 -0.20
N SER A 52 -18.49 -7.32 0.03
CA SER A 52 -19.28 -6.25 -0.60
C SER A 52 -18.54 -5.15 -1.34
N THR A 53 -17.23 -5.22 -1.39
CA THR A 53 -16.50 -4.12 -2.02
C THR A 53 -16.25 -4.32 -3.53
N LEU A 54 -16.88 -3.49 -4.35
CA LEU A 54 -16.51 -3.35 -5.75
C LEU A 54 -14.99 -3.10 -5.92
N GLN A 55 -14.35 -3.86 -6.78
CA GLN A 55 -12.95 -3.66 -7.06
C GLN A 55 -12.83 -2.58 -8.18
N PHE A 56 -11.65 -1.94 -8.24
CA PHE A 56 -11.53 -0.73 -9.06
C PHE A 56 -11.88 -1.08 -10.47
N GLY A 57 -12.81 -0.32 -11.07
CA GLY A 57 -12.96 -0.38 -12.49
C GLY A 57 -14.13 -1.20 -12.85
N ILE A 58 -14.71 -1.84 -11.85
CA ILE A 58 -15.87 -2.64 -12.13
C ILE A 58 -17.17 -1.85 -12.14
N PRO A 59 -17.98 -2.00 -13.17
CA PRO A 59 -19.19 -1.20 -13.18
C PRO A 59 -20.05 -1.46 -11.92
N SER A 60 -20.69 -0.42 -11.41
CA SER A 60 -21.50 -0.51 -10.21
C SER A 60 -22.74 -1.32 -10.40
N ARG A 61 -23.03 -1.80 -11.62
CA ARG A 61 -24.20 -2.73 -11.85
C ARG A 61 -23.96 -4.03 -11.02
N PHE A 62 -22.70 -4.31 -10.71
CA PHE A 62 -22.31 -5.43 -9.88
C PHE A 62 -22.37 -5.03 -8.44
N SER A 63 -22.69 -5.96 -7.57
CA SER A 63 -22.70 -5.70 -6.15
C SER A 63 -22.80 -7.05 -5.44
N GLY A 64 -22.50 -7.05 -4.15
CA GLY A 64 -22.48 -8.33 -3.45
C GLY A 64 -22.68 -8.05 -1.97
N SER A 65 -23.26 -9.01 -1.26
CA SER A 65 -23.30 -8.93 0.18
C SER A 65 -23.26 -10.27 0.88
N GLY A 66 -23.08 -10.22 2.21
CA GLY A 66 -23.15 -11.38 3.07
C GLY A 66 -22.11 -11.38 4.15
N SER A 67 -22.25 -12.26 5.12
CA SER A 67 -21.28 -12.44 6.19
C SER A 67 -21.50 -13.81 6.83
N GLY A 68 -20.48 -14.28 7.55
CA GLY A 68 -20.57 -15.58 8.16
C GLY A 68 -20.47 -16.67 7.12
N THR A 69 -21.60 -17.30 6.81
CA THR A 69 -21.57 -18.46 5.92
C THR A 69 -22.38 -18.28 4.65
N GLU A 70 -23.11 -17.19 4.55
CA GLU A 70 -24.00 -16.99 3.41
C GLU A 70 -23.74 -15.68 2.63
N PHE A 71 -23.59 -15.79 1.30
CA PHE A 71 -23.19 -14.65 0.48
C PHE A 71 -23.91 -14.65 -0.86
N THR A 72 -23.99 -13.48 -1.50
CA THR A 72 -24.58 -13.40 -2.80
C THR A 72 -23.86 -12.42 -3.68
N LEU A 73 -23.99 -12.62 -4.99
CA LEU A 73 -23.55 -11.67 -6.02
C LEU A 73 -24.77 -11.19 -6.76
N THR A 74 -24.87 -9.91 -7.12
CA THR A 74 -26.07 -9.46 -7.85
C THR A 74 -25.71 -8.62 -9.07
N ILE A 75 -26.40 -8.83 -10.17
CA ILE A 75 -26.12 -7.97 -11.29
C ILE A 75 -27.37 -7.18 -11.57
N SER A 76 -27.25 -5.87 -11.55
CA SER A 76 -28.43 -5.05 -11.53
C SER A 76 -29.15 -5.19 -12.84
N SER A 77 -28.51 -4.83 -13.93
CA SER A 77 -29.22 -4.91 -15.17
C SER A 77 -28.29 -5.59 -16.12
N LEU A 78 -28.57 -6.83 -16.49
CA LEU A 78 -27.61 -7.60 -17.29
C LEU A 78 -27.16 -6.98 -18.62
N GLU A 79 -25.91 -7.20 -18.94
CA GLU A 79 -25.34 -6.61 -20.10
C GLU A 79 -24.72 -7.78 -20.88
N PRO A 80 -24.64 -7.67 -22.21
CA PRO A 80 -24.20 -8.81 -23.04
C PRO A 80 -22.90 -9.42 -22.57
N GLU A 81 -22.03 -8.62 -22.04
CA GLU A 81 -20.73 -9.16 -21.72
C GLU A 81 -20.74 -9.79 -20.33
N ASP A 82 -21.92 -9.87 -19.71
CA ASP A 82 -21.98 -10.32 -18.31
C ASP A 82 -22.21 -11.82 -18.31
N PHE A 83 -22.67 -12.35 -19.44
CA PHE A 83 -22.89 -13.79 -19.54
C PHE A 83 -21.52 -14.48 -19.58
N ALA A 84 -21.22 -15.19 -18.51
CA ALA A 84 -19.87 -15.65 -18.25
C ALA A 84 -19.91 -16.65 -17.05
N MET A 85 -18.76 -17.14 -16.60
CA MET A 85 -18.69 -18.06 -15.45
C MET A 85 -18.25 -17.24 -14.22
N TYR A 86 -18.88 -17.52 -13.07
CA TYR A 86 -18.67 -16.72 -11.84
C TYR A 86 -18.20 -17.65 -10.68
N TYR A 87 -17.03 -17.35 -10.09
CA TYR A 87 -16.48 -18.19 -9.05
C TYR A 87 -16.39 -17.35 -7.80
N CYS A 88 -16.67 -17.98 -6.66
CA CYS A 88 -16.39 -17.31 -5.39
C CYS A 88 -15.20 -17.94 -4.63
N GLN A 89 -14.48 -17.12 -3.88
CA GLN A 89 -13.27 -17.55 -3.19
C GLN A 89 -13.37 -16.89 -1.86
N GLN A 90 -12.96 -17.65 -0.86
CA GLN A 90 -13.04 -17.30 0.53
C GLN A 90 -11.66 -16.74 0.82
N HIS A 91 -11.57 -15.56 1.41
CA HIS A 91 -10.22 -15.07 1.76
C HIS A 91 -10.03 -14.83 3.27
N ASN A 92 -10.66 -15.68 4.07
CA ASN A 92 -10.55 -15.62 5.52
C ASN A 92 -9.41 -16.44 6.12
N GLU A 93 -9.18 -17.65 5.62
CA GLU A 93 -8.24 -18.61 6.20
C GLU A 93 -7.37 -19.33 5.18
N TYR A 94 -6.23 -19.82 5.65
CA TYR A 94 -5.44 -20.81 4.93
C TYR A 94 -6.07 -22.22 5.16
N PRO A 95 -6.22 -23.03 4.09
CA PRO A 95 -5.88 -22.75 2.68
C PRO A 95 -7.06 -22.10 1.97
N LEU A 96 -6.77 -21.36 0.91
CA LEU A 96 -7.77 -20.59 0.26
C LEU A 96 -8.63 -21.61 -0.41
N THR A 97 -9.93 -21.37 -0.51
CA THR A 97 -10.79 -22.32 -1.24
C THR A 97 -11.85 -21.65 -2.09
N PHE A 98 -12.20 -22.28 -3.22
CA PHE A 98 -13.14 -21.72 -4.21
C PHE A 98 -14.46 -22.49 -4.27
N GLY A 99 -15.57 -21.83 -4.62
CA GLY A 99 -16.79 -22.47 -5.11
C GLY A 99 -16.57 -23.14 -6.48
N ALA A 100 -17.45 -24.06 -6.87
CA ALA A 100 -17.22 -24.78 -8.14
C ALA A 100 -17.79 -24.05 -9.35
N GLY A 101 -18.50 -22.93 -9.13
CA GLY A 101 -18.91 -22.05 -10.24
C GLY A 101 -20.39 -21.90 -10.50
N THR A 102 -20.76 -20.81 -11.14
CA THR A 102 -22.11 -20.65 -11.64
C THR A 102 -22.01 -20.13 -13.07
N LYS A 103 -22.71 -20.78 -13.98
CA LYS A 103 -22.63 -20.41 -15.35
C LYS A 103 -23.83 -19.58 -15.74
N LEU A 104 -23.61 -18.34 -16.13
CA LEU A 104 -24.72 -17.46 -16.40
C LEU A 104 -24.93 -17.38 -17.92
N GLU A 105 -25.92 -18.14 -18.42
CA GLU A 105 -26.15 -18.31 -19.85
C GLU A 105 -27.14 -17.29 -20.39
N LEU A 106 -26.91 -16.89 -21.64
CA LEU A 106 -27.85 -15.99 -22.31
C LEU A 106 -29.12 -16.75 -22.76
N LYS A 107 -30.28 -16.35 -22.23
CA LYS A 107 -31.55 -16.97 -22.58
C LYS A 107 -32.08 -16.55 -23.95
N ARG A 108 -32.63 -17.52 -24.69
CA ARG A 108 -33.18 -17.28 -26.01
C ARG A 108 -34.43 -18.10 -26.26
N ALA A 109 -35.03 -17.96 -27.44
CA ALA A 109 -36.29 -18.65 -27.66
C ALA A 109 -35.89 -20.04 -28.03
N ASP A 110 -36.68 -21.01 -27.57
CA ASP A 110 -36.50 -22.44 -27.86
C ASP A 110 -36.24 -22.68 -29.35
N ALA A 111 -35.37 -23.64 -29.66
CA ALA A 111 -34.99 -23.92 -31.00
C ALA A 111 -34.73 -25.38 -31.11
N ALA A 112 -35.26 -26.01 -32.16
CA ALA A 112 -35.15 -27.46 -32.28
C ALA A 112 -33.87 -27.77 -33.04
N PRO A 113 -33.26 -28.92 -32.77
CA PRO A 113 -31.97 -29.15 -33.43
C PRO A 113 -32.15 -29.48 -34.90
N THR A 114 -31.20 -29.12 -35.73
CA THR A 114 -31.10 -29.70 -37.08
C THR A 114 -30.27 -30.98 -37.04
N VAL A 115 -30.85 -32.13 -37.47
CA VAL A 115 -30.16 -33.40 -37.25
C VAL A 115 -29.74 -33.89 -38.60
N SER A 116 -28.52 -34.40 -38.70
CA SER A 116 -27.97 -34.89 -39.95
C SER A 116 -27.17 -36.12 -39.62
N ILE A 117 -27.30 -37.15 -40.45
CA ILE A 117 -26.61 -38.43 -40.27
C ILE A 117 -25.68 -38.71 -41.43
N PHE A 118 -24.51 -39.29 -41.11
CA PHE A 118 -23.47 -39.64 -42.07
C PHE A 118 -22.94 -41.05 -41.95
N PRO A 119 -22.97 -41.79 -43.06
CA PRO A 119 -22.42 -43.21 -43.02
C PRO A 119 -20.87 -43.18 -42.98
N PRO A 120 -20.20 -44.32 -42.69
CA PRO A 120 -18.73 -44.27 -42.67
C PRO A 120 -18.29 -43.89 -44.06
N SER A 121 -17.26 -43.09 -44.18
CA SER A 121 -16.67 -42.72 -45.44
C SER A 121 -16.04 -43.94 -46.11
N SER A 122 -15.78 -43.83 -47.41
CA SER A 122 -15.14 -44.91 -48.15
C SER A 122 -13.77 -45.17 -47.59
N GLU A 123 -13.00 -44.11 -47.36
CA GLU A 123 -11.65 -44.23 -46.80
C GLU A 123 -11.61 -44.99 -45.47
N GLN A 124 -12.52 -44.63 -44.57
CA GLN A 124 -12.44 -45.18 -43.25
C GLN A 124 -12.72 -46.67 -43.32
N LEU A 125 -13.63 -47.05 -44.19
CA LEU A 125 -14.01 -48.43 -44.33
C LEU A 125 -12.85 -49.31 -44.74
N THR A 126 -12.09 -48.82 -45.73
CA THR A 126 -10.99 -49.58 -46.30
C THR A 126 -9.82 -49.75 -45.32
N SER A 127 -9.77 -48.92 -44.30
CA SER A 127 -8.84 -49.15 -43.20
C SER A 127 -9.42 -50.04 -42.06
N GLY A 128 -10.55 -50.71 -42.27
CA GLY A 128 -11.13 -51.51 -41.20
C GLY A 128 -12.09 -50.86 -40.18
N GLY A 129 -12.29 -49.54 -40.24
CA GLY A 129 -13.14 -48.89 -39.26
C GLY A 129 -14.47 -48.48 -39.82
N ALA A 130 -15.50 -48.41 -38.97
CA ALA A 130 -16.75 -47.73 -39.38
C ALA A 130 -17.33 -46.75 -38.36
N SER A 131 -17.22 -45.45 -38.62
CA SER A 131 -17.78 -44.44 -37.72
C SER A 131 -19.03 -43.79 -38.27
N VAL A 132 -20.14 -43.97 -37.61
CA VAL A 132 -21.37 -43.31 -38.05
C VAL A 132 -21.49 -42.04 -37.22
N VAL A 133 -21.61 -40.91 -37.92
CA VAL A 133 -21.63 -39.58 -37.23
C VAL A 133 -23.00 -38.94 -37.30
N CYS A 134 -23.49 -38.33 -36.22
CA CYS A 134 -24.77 -37.64 -36.23
C CYS A 134 -24.55 -36.22 -35.66
N PHE A 135 -24.94 -35.20 -36.45
CA PHE A 135 -24.89 -33.87 -35.86
C PHE A 135 -26.29 -33.42 -35.42
N LEU A 136 -26.33 -32.71 -34.29
CA LEU A 136 -27.54 -32.12 -33.78
C LEU A 136 -27.18 -30.66 -33.55
N ASN A 137 -27.56 -29.81 -34.51
CA ASN A 137 -27.13 -28.41 -34.56
C ASN A 137 -28.17 -27.38 -34.20
N ASN A 138 -27.67 -26.33 -33.50
CA ASN A 138 -28.39 -25.10 -33.28
C ASN A 138 -29.67 -25.27 -32.54
N PHE A 139 -29.55 -25.87 -31.37
CA PHE A 139 -30.75 -26.04 -30.59
C PHE A 139 -30.63 -25.25 -29.30
N TYR A 140 -31.78 -25.09 -28.66
CA TYR A 140 -31.87 -24.46 -27.36
C TYR A 140 -33.20 -24.88 -26.77
N PRO A 141 -33.20 -25.25 -25.47
CA PRO A 141 -32.11 -25.21 -24.50
C PRO A 141 -31.16 -26.38 -24.61
N LYS A 142 -30.18 -26.39 -23.72
CA LYS A 142 -29.04 -27.26 -23.94
C LYS A 142 -29.32 -28.73 -23.75
N ASP A 143 -30.28 -29.10 -22.89
CA ASP A 143 -30.55 -30.51 -22.65
C ASP A 143 -31.13 -31.21 -23.88
N ILE A 144 -30.49 -32.31 -24.25
CA ILE A 144 -30.87 -33.05 -25.43
C ILE A 144 -30.43 -34.52 -25.23
N ASN A 145 -31.09 -35.47 -25.90
CA ASN A 145 -30.74 -36.90 -25.78
C ASN A 145 -30.62 -37.57 -27.11
N VAL A 146 -29.58 -38.36 -27.28
CA VAL A 146 -29.37 -39.13 -28.50
C VAL A 146 -29.44 -40.67 -28.28
N LYS A 147 -30.22 -41.33 -29.10
CA LYS A 147 -30.29 -42.78 -29.13
C LYS A 147 -29.79 -43.25 -30.48
N TRP A 148 -28.92 -44.23 -30.45
CA TRP A 148 -28.54 -44.91 -31.65
C TRP A 148 -29.38 -46.19 -31.80
N LYS A 149 -29.93 -46.46 -32.94
CA LYS A 149 -30.59 -47.74 -33.14
C LYS A 149 -29.95 -48.40 -34.33
N ILE A 150 -29.70 -49.68 -34.23
CA ILE A 150 -29.18 -50.41 -35.38
C ILE A 150 -30.21 -51.51 -35.74
N ASP A 151 -30.82 -51.42 -36.92
CA ASP A 151 -31.94 -52.28 -37.32
C ASP A 151 -33.06 -52.35 -36.29
N GLY A 152 -33.39 -51.22 -35.70
CA GLY A 152 -34.52 -51.12 -34.80
C GLY A 152 -34.13 -51.25 -33.35
N SER A 153 -32.92 -51.73 -33.10
CA SER A 153 -32.50 -52.16 -31.78
C SER A 153 -31.49 -51.16 -31.21
N GLU A 154 -31.72 -50.69 -29.98
CA GLU A 154 -30.83 -49.68 -29.37
C GLU A 154 -29.35 -50.05 -29.34
N ARG A 155 -28.49 -49.05 -29.32
CA ARG A 155 -27.06 -49.29 -29.32
C ARG A 155 -26.44 -48.47 -28.24
N GLN A 156 -25.85 -49.15 -27.28
CA GLN A 156 -25.40 -48.45 -26.10
C GLN A 156 -23.97 -47.94 -26.16
N ASN A 157 -23.03 -48.78 -26.58
CA ASN A 157 -21.59 -48.45 -26.57
C ASN A 157 -20.90 -48.43 -27.94
N GLY A 158 -19.68 -47.93 -27.94
CA GLY A 158 -19.08 -47.40 -29.17
C GLY A 158 -19.47 -45.94 -29.45
N VAL A 159 -20.25 -45.34 -28.55
CA VAL A 159 -20.82 -44.05 -28.76
C VAL A 159 -20.06 -43.02 -27.98
N LEU A 160 -19.77 -41.92 -28.66
CA LEU A 160 -18.98 -40.86 -28.12
C LEU A 160 -19.62 -39.48 -28.42
N ASN A 161 -19.88 -38.64 -27.41
CA ASN A 161 -20.54 -37.38 -27.67
C ASN A 161 -19.71 -36.16 -27.43
N SER A 162 -19.90 -35.09 -28.21
CA SER A 162 -19.23 -33.82 -27.93
C SER A 162 -20.20 -32.65 -28.03
N TRP A 163 -20.06 -31.65 -27.17
CA TRP A 163 -20.95 -30.48 -27.23
C TRP A 163 -20.18 -29.21 -27.40
N THR A 164 -20.72 -28.28 -28.19
CA THR A 164 -20.18 -26.91 -28.18
C THR A 164 -20.64 -26.10 -26.97
N ASP A 165 -19.90 -25.06 -26.62
CA ASP A 165 -20.40 -24.06 -25.63
C ASP A 165 -21.45 -23.23 -26.30
N GLN A 166 -22.27 -22.54 -25.53
CA GLN A 166 -23.24 -21.62 -26.16
C GLN A 166 -22.64 -20.65 -27.22
N ASP A 167 -23.11 -20.76 -28.45
CA ASP A 167 -22.65 -19.94 -29.55
C ASP A 167 -22.81 -18.46 -29.13
N SER A 168 -21.77 -17.66 -29.30
CA SER A 168 -21.90 -16.23 -28.96
C SER A 168 -22.63 -15.34 -30.00
N LYS A 169 -22.87 -15.86 -31.20
CA LYS A 169 -23.61 -15.15 -32.23
C LYS A 169 -25.11 -15.34 -32.01
N ASP A 170 -25.57 -16.59 -32.17
CA ASP A 170 -26.99 -16.87 -32.08
C ASP A 170 -27.44 -17.45 -30.72
N SER A 171 -26.58 -17.47 -29.74
CA SER A 171 -26.91 -18.11 -28.43
C SER A 171 -27.32 -19.59 -28.40
N THR A 172 -27.34 -20.36 -29.51
CA THR A 172 -27.73 -21.80 -29.44
C THR A 172 -26.63 -22.84 -29.06
N TYR A 173 -26.92 -24.12 -29.21
CA TYR A 173 -25.96 -25.16 -28.88
C TYR A 173 -25.91 -26.14 -29.99
N SER A 174 -24.78 -26.86 -30.05
CA SER A 174 -24.62 -27.96 -30.98
C SER A 174 -24.01 -29.18 -30.34
N MET A 175 -24.18 -30.34 -31.00
CA MET A 175 -23.70 -31.57 -30.42
C MET A 175 -23.40 -32.55 -31.52
N SER A 176 -22.32 -33.33 -31.40
CA SER A 176 -22.04 -34.43 -32.25
C SER A 176 -22.02 -35.83 -31.52
N SER A 177 -22.62 -36.86 -32.14
CA SER A 177 -22.58 -38.18 -31.56
C SER A 177 -21.99 -39.09 -32.58
N THR A 178 -20.92 -39.82 -32.24
CA THR A 178 -20.28 -40.74 -33.17
C THR A 178 -20.30 -42.18 -32.64
N LEU A 179 -20.91 -43.06 -33.44
CA LEU A 179 -21.10 -44.49 -33.08
C LEU A 179 -20.03 -45.20 -33.86
N THR A 180 -19.00 -45.67 -33.18
CA THR A 180 -17.86 -46.33 -33.86
C THR A 180 -17.86 -47.85 -33.75
N LEU A 181 -17.92 -48.47 -34.93
CA LEU A 181 -17.98 -49.92 -35.12
C LEU A 181 -16.74 -50.36 -35.93
N THR A 182 -16.63 -51.65 -36.24
CA THR A 182 -15.57 -52.11 -37.15
C THR A 182 -16.26 -52.29 -38.47
N LYS A 183 -15.52 -52.22 -39.57
CA LYS A 183 -16.10 -52.52 -40.88
C LYS A 183 -16.96 -53.77 -40.80
N ASP A 184 -16.45 -54.79 -40.11
CA ASP A 184 -17.13 -56.08 -40.00
C ASP A 184 -18.46 -56.03 -39.24
N GLU A 185 -18.48 -55.33 -38.09
CA GLU A 185 -19.70 -55.16 -37.30
C GLU A 185 -20.72 -54.37 -38.14
N TYR A 186 -20.18 -53.46 -38.93
CA TYR A 186 -20.98 -52.49 -39.65
C TYR A 186 -21.71 -53.09 -40.82
N GLU A 187 -20.99 -53.93 -41.56
CA GLU A 187 -21.54 -54.66 -42.70
C GLU A 187 -22.48 -55.81 -42.36
N ARG A 188 -22.48 -56.27 -41.12
CA ARG A 188 -23.36 -57.33 -40.67
C ARG A 188 -24.78 -56.72 -40.37
N HIS A 189 -24.94 -55.39 -40.38
CA HIS A 189 -26.30 -54.77 -40.28
C HIS A 189 -26.74 -53.87 -41.42
N ASN A 190 -27.99 -53.44 -41.37
CA ASN A 190 -28.51 -52.68 -42.47
C ASN A 190 -28.89 -51.20 -42.22
N SER A 191 -29.81 -50.95 -41.30
CA SER A 191 -30.28 -49.60 -41.07
C SER A 191 -29.66 -49.03 -39.78
N TYR A 192 -29.21 -47.79 -39.89
CA TYR A 192 -28.59 -47.02 -38.83
C TYR A 192 -29.46 -45.84 -38.50
N THR A 193 -29.85 -45.69 -37.25
CA THR A 193 -30.68 -44.53 -36.90
C THR A 193 -29.99 -43.70 -35.83
N CYS A 194 -30.25 -42.42 -35.89
CA CYS A 194 -29.89 -41.54 -34.82
C CYS A 194 -31.14 -40.78 -34.39
N GLU A 195 -31.49 -40.85 -33.11
CA GLU A 195 -32.72 -40.19 -32.61
C GLU A 195 -32.48 -39.12 -31.52
N ALA A 196 -32.95 -37.92 -31.79
CA ALA A 196 -32.82 -36.80 -30.88
C ALA A 196 -34.13 -36.49 -30.09
N THR A 197 -33.99 -36.25 -28.79
CA THR A 197 -35.12 -35.98 -27.96
C THR A 197 -34.85 -34.65 -27.30
N HIS A 198 -35.74 -33.71 -27.52
CA HIS A 198 -35.49 -32.34 -27.09
C HIS A 198 -36.84 -31.71 -26.78
N LYS A 199 -36.88 -30.75 -25.87
CA LYS A 199 -38.18 -30.32 -25.38
C LYS A 199 -39.05 -29.76 -26.49
N THR A 200 -38.43 -29.21 -27.52
CA THR A 200 -39.17 -28.63 -28.64
C THR A 200 -40.13 -29.61 -29.34
N SER A 201 -40.13 -30.87 -28.88
CA SER A 201 -41.08 -31.87 -29.34
C SER A 201 -41.26 -33.05 -28.38
N THR A 202 -42.44 -33.63 -28.40
CA THR A 202 -42.68 -34.87 -27.64
C THR A 202 -42.19 -36.07 -28.44
N SER A 203 -42.32 -35.98 -29.75
CA SER A 203 -41.80 -37.04 -30.56
C SER A 203 -40.39 -36.77 -31.12
N PRO A 204 -39.51 -37.76 -31.02
CA PRO A 204 -38.11 -37.55 -31.36
C PRO A 204 -37.89 -37.18 -32.80
N ILE A 205 -36.79 -36.50 -33.06
CA ILE A 205 -36.30 -36.31 -34.42
C ILE A 205 -35.46 -37.52 -34.83
N VAL A 206 -35.77 -38.09 -36.01
CA VAL A 206 -35.21 -39.35 -36.38
C VAL A 206 -34.60 -39.31 -37.75
N LYS A 207 -33.30 -39.57 -37.81
CA LYS A 207 -32.55 -39.60 -39.07
C LYS A 207 -31.97 -40.97 -39.21
N SER A 208 -32.05 -41.53 -40.41
CA SER A 208 -31.50 -42.88 -40.62
C SER A 208 -31.12 -43.16 -42.06
N PHE A 209 -30.44 -44.27 -42.27
CA PHE A 209 -30.08 -44.67 -43.62
C PHE A 209 -29.97 -46.21 -43.64
N ASN A 210 -30.04 -46.82 -44.82
CA ASN A 210 -29.79 -48.25 -44.96
C ASN A 210 -28.48 -48.49 -45.63
N ARG A 211 -27.64 -49.33 -45.03
CA ARG A 211 -26.26 -49.47 -45.52
C ARG A 211 -26.22 -49.86 -46.98
N ASN A 212 -27.08 -50.79 -47.37
CA ASN A 212 -27.17 -51.17 -48.76
C ASN A 212 -27.28 -49.92 -49.68
N GLU A 213 -28.35 -49.15 -49.50
CA GLU A 213 -28.65 -47.96 -50.29
C GLU A 213 -30.12 -47.57 -50.11
N GLU B 1 0.68 -1.24 -16.52
CA GLU B 1 -0.33 -2.33 -16.56
C GLU B 1 0.26 -3.63 -16.01
N VAL B 2 -0.40 -4.16 -15.01
CA VAL B 2 0.09 -5.33 -14.32
C VAL B 2 -0.29 -6.55 -15.13
N GLN B 3 0.71 -7.35 -15.47
CA GLN B 3 0.57 -8.46 -16.38
C GLN B 3 1.36 -9.70 -15.90
N LEU B 4 0.75 -10.88 -16.05
CA LEU B 4 1.46 -12.12 -15.76
C LEU B 4 1.53 -13.01 -16.99
N GLN B 5 2.73 -13.37 -17.43
CA GLN B 5 2.96 -14.20 -18.63
C GLN B 5 3.33 -15.65 -18.32
N GLN B 6 2.47 -16.59 -18.64
CA GLN B 6 2.77 -17.95 -18.28
C GLN B 6 3.35 -18.77 -19.44
N SER B 7 4.10 -19.80 -19.10
CA SER B 7 4.74 -20.59 -20.11
C SER B 7 3.77 -21.51 -20.83
N GLY B 8 4.25 -22.16 -21.88
CA GLY B 8 3.34 -22.80 -22.82
C GLY B 8 3.01 -24.20 -22.35
N THR B 9 2.22 -24.91 -23.17
CA THR B 9 1.75 -26.29 -22.85
C THR B 9 2.91 -27.19 -22.71
N VAL B 10 2.82 -28.06 -21.71
CA VAL B 10 3.82 -29.13 -21.56
C VAL B 10 3.11 -30.44 -21.57
N LEU B 11 3.74 -31.43 -22.21
CA LEU B 11 3.30 -32.81 -22.25
C LEU B 11 4.31 -33.58 -21.43
N ALA B 12 3.85 -34.59 -20.70
CA ALA B 12 4.78 -35.40 -19.88
C ALA B 12 4.28 -36.84 -19.68
N ARG B 13 5.20 -37.76 -19.35
CA ARG B 13 4.82 -39.14 -19.05
C ARG B 13 4.61 -39.31 -17.56
N PRO B 14 3.76 -40.27 -17.18
CA PRO B 14 3.46 -40.49 -15.78
C PRO B 14 4.76 -40.68 -15.01
N GLY B 15 4.82 -40.17 -13.78
CA GLY B 15 6.03 -40.26 -12.99
C GLY B 15 7.13 -39.30 -13.39
N ALA B 16 6.95 -38.54 -14.46
CA ALA B 16 7.89 -37.44 -14.77
C ALA B 16 7.68 -36.13 -13.95
N SER B 17 8.57 -35.17 -14.21
CA SER B 17 8.48 -33.77 -13.71
C SER B 17 8.23 -32.72 -14.82
N VAL B 18 7.53 -31.65 -14.49
CA VAL B 18 7.50 -30.48 -15.39
C VAL B 18 7.67 -29.22 -14.53
N LYS B 19 8.19 -28.17 -15.14
CA LYS B 19 8.43 -26.91 -14.47
C LYS B 19 7.95 -25.75 -15.33
N MET B 20 6.97 -25.00 -14.82
CA MET B 20 6.36 -23.92 -15.56
C MET B 20 6.74 -22.53 -14.96
N SER B 21 6.62 -21.48 -15.79
CA SER B 21 7.05 -20.18 -15.32
C SER B 21 5.92 -19.16 -15.43
N CYS B 22 5.99 -18.08 -14.62
CA CYS B 22 5.05 -16.99 -14.61
C CYS B 22 5.81 -15.69 -14.59
N LYS B 23 5.80 -14.96 -15.69
CA LYS B 23 6.60 -13.77 -15.83
C LYS B 23 5.80 -12.52 -15.53
N ALA B 24 6.20 -11.84 -14.46
CA ALA B 24 5.51 -10.64 -13.95
C ALA B 24 6.04 -9.35 -14.57
N SER B 25 5.14 -8.40 -14.74
CA SER B 25 5.54 -7.13 -15.25
C SER B 25 4.55 -6.07 -14.81
N GLY B 26 5.08 -4.84 -14.57
CA GLY B 26 4.28 -3.64 -14.31
C GLY B 26 3.94 -3.40 -12.86
N TYR B 27 4.64 -4.09 -11.98
CA TYR B 27 4.49 -3.85 -10.57
C TYR B 27 5.76 -4.33 -9.83
N SER B 28 5.84 -4.11 -8.52
CA SER B 28 7.01 -4.51 -7.77
C SER B 28 6.88 -5.96 -7.40
N PHE B 29 7.60 -6.81 -8.15
CA PHE B 29 7.46 -8.25 -8.10
C PHE B 29 7.71 -8.82 -6.72
N THR B 30 8.67 -8.22 -6.02
CA THR B 30 9.03 -8.64 -4.66
C THR B 30 8.06 -8.20 -3.61
N SER B 31 6.99 -7.46 -3.98
CA SER B 31 6.06 -6.97 -2.95
C SER B 31 4.74 -7.74 -2.78
N TYR B 32 4.47 -8.71 -3.65
CA TYR B 32 3.17 -9.38 -3.72
C TYR B 32 3.32 -10.89 -3.69
N TRP B 33 2.54 -11.54 -2.85
CA TRP B 33 2.44 -12.96 -2.92
C TRP B 33 1.96 -13.39 -4.35
N MET B 34 2.69 -14.33 -4.94
CA MET B 34 2.27 -14.98 -6.18
C MET B 34 1.58 -16.34 -5.88
N HIS B 35 0.34 -16.46 -6.31
CA HIS B 35 -0.46 -17.63 -5.99
C HIS B 35 -0.63 -18.56 -7.23
N TRP B 36 -0.75 -19.87 -6.97
CA TRP B 36 -0.94 -20.83 -8.06
C TRP B 36 -2.20 -21.60 -7.83
N VAL B 37 -3.03 -21.65 -8.84
CA VAL B 37 -4.34 -22.34 -8.73
C VAL B 37 -4.49 -23.40 -9.81
N LYS B 38 -4.99 -24.57 -9.42
CA LYS B 38 -5.18 -25.66 -10.37
C LYS B 38 -6.63 -25.70 -10.82
N GLN B 39 -6.84 -25.96 -12.12
CA GLN B 39 -8.19 -26.25 -12.65
C GLN B 39 -8.32 -27.44 -13.63
N ARG B 40 -8.96 -28.52 -13.23
CA ARG B 40 -9.21 -29.63 -14.16
C ARG B 40 -10.63 -29.51 -14.68
N PRO B 41 -10.92 -30.12 -15.85
CA PRO B 41 -12.21 -29.76 -16.48
C PRO B 41 -13.41 -30.21 -15.67
N GLY B 42 -14.44 -29.35 -15.61
CA GLY B 42 -15.54 -29.48 -14.66
C GLY B 42 -15.08 -29.92 -13.27
N GLN B 43 -13.98 -29.38 -12.76
CA GLN B 43 -13.60 -29.73 -11.39
C GLN B 43 -13.54 -28.52 -10.43
N GLY B 44 -13.64 -27.30 -10.93
CA GLY B 44 -13.55 -26.20 -9.96
C GLY B 44 -12.12 -25.89 -9.55
N LEU B 45 -11.87 -24.68 -9.06
CA LEU B 45 -10.48 -24.25 -8.86
C LEU B 45 -9.98 -24.69 -7.49
N GLU B 46 -8.74 -25.17 -7.39
CA GLU B 46 -8.10 -25.37 -6.08
C GLU B 46 -6.78 -24.70 -5.94
N TRP B 47 -6.54 -24.14 -4.73
CA TRP B 47 -5.39 -23.31 -4.50
C TRP B 47 -4.25 -24.25 -4.16
N ILE B 48 -3.16 -24.16 -4.94
CA ILE B 48 -2.01 -25.02 -4.74
C ILE B 48 -1.09 -24.45 -3.66
N GLY B 49 -0.75 -23.16 -3.78
CA GLY B 49 0.17 -22.48 -2.83
C GLY B 49 0.75 -21.20 -3.39
N ALA B 50 1.77 -20.66 -2.74
CA ALA B 50 2.16 -19.29 -3.06
C ALA B 50 3.57 -19.09 -2.62
N VAL B 51 4.26 -18.22 -3.36
CA VAL B 51 5.60 -17.83 -3.02
C VAL B 51 5.65 -16.31 -2.72
N TYR B 52 6.59 -15.84 -1.91
CA TYR B 52 6.67 -14.38 -1.65
C TYR B 52 8.00 -13.87 -2.06
N PRO B 53 8.13 -13.38 -3.30
CA PRO B 53 9.49 -13.20 -3.85
C PRO B 53 10.35 -12.27 -2.99
N GLY B 54 9.68 -11.36 -2.28
CA GLY B 54 10.29 -10.54 -1.26
C GLY B 54 11.30 -11.20 -0.33
N ASN B 55 10.95 -12.32 0.27
CA ASN B 55 11.89 -13.03 1.13
C ASN B 55 11.96 -14.50 0.77
N SER B 56 11.32 -14.87 -0.33
CA SER B 56 11.41 -16.25 -0.84
C SER B 56 10.61 -17.31 -0.09
N ASP B 57 9.83 -16.89 0.89
CA ASP B 57 9.02 -17.83 1.65
C ASP B 57 7.93 -18.44 0.77
N THR B 58 7.35 -19.55 1.21
CA THR B 58 6.34 -20.26 0.42
C THR B 58 5.27 -20.79 1.36
N SER B 59 4.11 -21.11 0.80
CA SER B 59 3.07 -21.73 1.58
C SER B 59 2.31 -22.71 0.72
N TYR B 60 2.21 -23.96 1.20
CA TYR B 60 1.54 -25.04 0.41
C TYR B 60 0.22 -25.50 1.01
N ASN B 61 -0.76 -25.76 0.18
CA ASN B 61 -1.93 -26.52 0.62
C ASN B 61 -1.41 -27.91 0.90
N GLN B 62 -1.78 -28.50 2.05
CA GLN B 62 -1.45 -29.94 2.36
C GLN B 62 -1.75 -30.85 1.18
N LYS B 63 -2.91 -30.73 0.58
CA LYS B 63 -3.19 -31.55 -0.60
C LYS B 63 -2.04 -31.59 -1.60
N PHE B 64 -1.26 -30.53 -1.70
CA PHE B 64 -0.20 -30.51 -2.69
C PHE B 64 1.21 -30.58 -2.14
N LYS B 65 1.33 -30.69 -0.82
CA LYS B 65 2.62 -30.44 -0.13
C LYS B 65 3.79 -31.17 -0.82
N GLY B 66 3.60 -32.42 -1.22
CA GLY B 66 4.69 -33.08 -1.90
C GLY B 66 4.74 -32.91 -3.42
N LYS B 67 3.65 -32.49 -4.04
CA LYS B 67 3.49 -32.55 -5.50
C LYS B 67 4.12 -31.37 -6.19
N ALA B 68 4.17 -30.25 -5.48
CA ALA B 68 4.50 -28.96 -6.08
C ALA B 68 5.66 -28.22 -5.40
N LYS B 69 6.49 -27.59 -6.22
CA LYS B 69 7.54 -26.78 -5.67
C LYS B 69 7.60 -25.36 -6.29
N LEU B 70 7.53 -24.33 -5.43
CA LEU B 70 7.44 -23.01 -5.96
C LEU B 70 8.69 -22.26 -5.62
N THR B 71 9.16 -21.41 -6.54
CA THR B 71 10.37 -20.66 -6.32
C THR B 71 10.26 -19.37 -7.09
N ALA B 72 11.19 -18.43 -6.88
CA ALA B 72 11.13 -17.20 -7.67
C ALA B 72 12.49 -16.68 -7.97
N VAL B 73 12.60 -16.00 -9.09
CA VAL B 73 13.84 -15.35 -9.39
C VAL B 73 13.56 -13.88 -9.51
N THR B 74 14.02 -13.16 -8.50
CA THR B 74 13.82 -11.72 -8.42
C THR B 74 14.33 -10.94 -9.63
N SER B 75 15.58 -11.13 -9.96
CA SER B 75 16.14 -10.41 -11.08
C SER B 75 15.19 -10.44 -12.30
N ALA B 76 14.49 -11.55 -12.54
CA ALA B 76 13.73 -11.72 -13.77
C ALA B 76 12.28 -11.56 -13.54
N SER B 77 11.87 -11.23 -12.32
CA SER B 77 10.47 -11.03 -12.03
C SER B 77 9.68 -12.22 -12.52
N THR B 78 10.27 -13.42 -12.45
CA THR B 78 9.51 -14.59 -12.80
C THR B 78 9.41 -15.63 -11.66
N ALA B 79 8.23 -16.23 -11.49
CA ALA B 79 8.00 -17.29 -10.50
C ALA B 79 7.79 -18.59 -11.26
N TYR B 80 7.96 -19.71 -10.56
CA TYR B 80 8.18 -20.97 -11.20
C TYR B 80 7.49 -21.95 -10.35
N MET B 81 6.90 -22.99 -10.99
CA MET B 81 6.25 -24.09 -10.29
C MET B 81 6.67 -25.42 -10.89
N GLU B 82 7.08 -26.32 -10.00
CA GLU B 82 7.48 -27.66 -10.39
C GLU B 82 6.54 -28.74 -9.84
N LEU B 83 6.03 -29.55 -10.75
CA LEU B 83 5.18 -30.66 -10.39
C LEU B 83 5.96 -31.96 -10.64
N SER B 84 5.77 -32.94 -9.75
CA SER B 84 6.59 -34.16 -9.73
C SER B 84 5.72 -35.41 -9.57
N SER B 85 6.32 -36.60 -9.77
CA SER B 85 5.61 -37.87 -9.72
C SER B 85 4.28 -37.71 -10.44
N LEU B 86 4.33 -37.32 -11.71
CA LEU B 86 3.10 -36.95 -12.39
C LEU B 86 2.15 -38.14 -12.54
N THR B 87 0.87 -37.93 -12.26
CA THR B 87 -0.16 -38.90 -12.49
C THR B 87 -1.09 -38.28 -13.49
N ASN B 88 -2.20 -38.96 -13.78
CA ASN B 88 -3.17 -38.45 -14.70
C ASN B 88 -3.98 -37.32 -14.04
N GLU B 89 -4.13 -37.46 -12.73
CA GLU B 89 -4.83 -36.49 -11.96
C GLU B 89 -4.22 -35.13 -12.22
N ASP B 90 -2.94 -35.11 -12.59
CA ASP B 90 -2.25 -33.84 -12.69
C ASP B 90 -2.48 -33.13 -13.99
N SER B 91 -3.09 -33.82 -14.97
CA SER B 91 -3.48 -33.17 -16.22
C SER B 91 -4.54 -32.13 -15.90
N ALA B 92 -4.26 -30.85 -16.25
CA ALA B 92 -5.03 -29.71 -15.80
C ALA B 92 -4.47 -28.35 -16.34
N VAL B 93 -5.22 -27.27 -16.13
CA VAL B 93 -4.71 -25.91 -16.40
C VAL B 93 -4.18 -25.27 -15.11
N TYR B 94 -3.01 -24.63 -15.17
CA TYR B 94 -2.41 -24.06 -13.94
C TYR B 94 -2.21 -22.55 -14.06
N TYR B 95 -2.73 -21.80 -13.07
CA TYR B 95 -2.72 -20.37 -13.14
C TYR B 95 -1.84 -19.82 -12.07
N CYS B 96 -1.20 -18.70 -12.38
CA CYS B 96 -0.55 -17.90 -11.34
C CYS B 96 -1.41 -16.65 -11.18
N SER B 97 -1.40 -16.06 -9.99
CA SER B 97 -2.12 -14.81 -9.80
C SER B 97 -1.50 -14.08 -8.67
N ARG B 98 -1.72 -12.77 -8.69
CA ARG B 98 -1.02 -11.84 -7.80
C ARG B 98 -2.00 -11.48 -6.73
N SER B 99 -1.55 -11.53 -5.48
CA SER B 99 -2.40 -11.01 -4.40
C SER B 99 -2.81 -9.56 -4.73
N SER B 100 -4.05 -9.20 -4.46
CA SER B 100 -4.46 -7.88 -4.81
C SER B 100 -3.92 -6.90 -3.77
N LEU B 101 -3.49 -7.38 -2.61
CA LEU B 101 -2.75 -6.45 -1.69
C LEU B 101 -1.29 -6.81 -1.52
N ASP B 102 -0.47 -5.76 -1.23
CA ASP B 102 0.98 -5.90 -1.12
C ASP B 102 1.42 -6.25 0.29
N GLY B 103 2.58 -6.88 0.39
CA GLY B 103 3.15 -7.15 1.67
C GLY B 103 3.21 -8.59 2.06
N TYR B 104 4.11 -8.94 2.95
CA TYR B 104 4.24 -10.29 3.46
C TYR B 104 3.07 -10.76 4.32
N TYR B 105 2.48 -9.90 5.13
CA TYR B 105 1.51 -10.42 6.12
C TYR B 105 0.14 -10.77 5.56
N VAL B 106 -0.27 -10.22 4.41
CA VAL B 106 -1.54 -10.65 3.81
C VAL B 106 -1.39 -11.91 2.96
N LYS B 107 -1.31 -13.07 3.60
CA LYS B 107 -0.90 -14.28 2.88
C LYS B 107 -2.06 -14.90 2.15
N ASN B 108 -3.26 -14.78 2.73
CA ASN B 108 -4.49 -15.34 2.24
C ASN B 108 -5.45 -14.28 1.87
N TRP B 109 -5.27 -13.69 0.71
CA TRP B 109 -6.22 -12.66 0.26
C TRP B 109 -6.84 -13.09 -1.11
N CYS B 110 -7.50 -12.18 -1.81
CA CYS B 110 -7.95 -12.47 -3.15
C CYS B 110 -6.92 -11.95 -4.15
N PHE B 111 -7.10 -12.26 -5.41
CA PHE B 111 -6.11 -11.92 -6.41
C PHE B 111 -6.64 -10.84 -7.38
N ASP B 112 -5.86 -9.83 -7.79
CA ASP B 112 -6.40 -8.91 -8.79
C ASP B 112 -6.01 -9.15 -10.25
N VAL B 113 -5.03 -9.99 -10.55
CA VAL B 113 -4.59 -10.25 -11.90
C VAL B 113 -4.24 -11.74 -12.00
N TRP B 114 -4.66 -12.40 -13.09
CA TRP B 114 -4.33 -13.83 -13.23
C TRP B 114 -3.49 -13.95 -14.51
N GLY B 115 -2.60 -14.92 -14.57
CA GLY B 115 -2.09 -15.38 -15.87
C GLY B 115 -3.12 -16.13 -16.70
N GLN B 116 -2.85 -16.36 -17.98
CA GLN B 116 -3.80 -17.06 -18.89
C GLN B 116 -3.85 -18.57 -18.66
N GLY B 117 -2.91 -19.11 -17.87
CA GLY B 117 -2.90 -20.55 -17.59
C GLY B 117 -1.88 -21.37 -18.40
N THR B 118 -1.30 -22.39 -17.76
CA THR B 118 -0.41 -23.29 -18.45
C THR B 118 -1.04 -24.69 -18.35
N THR B 119 -1.34 -25.24 -19.53
CA THR B 119 -1.85 -26.63 -19.67
C THR B 119 -0.77 -27.67 -19.51
N VAL B 120 -1.01 -28.60 -18.58
CA VAL B 120 -0.20 -29.80 -18.43
C VAL B 120 -1.03 -31.01 -18.86
N THR B 121 -0.55 -31.74 -19.87
CA THR B 121 -1.15 -32.99 -20.30
C THR B 121 -0.19 -34.10 -19.94
N VAL B 122 -0.66 -35.05 -19.15
CA VAL B 122 0.14 -36.22 -18.74
C VAL B 122 -0.42 -37.43 -19.43
N SER B 123 0.43 -38.17 -20.14
CA SER B 123 -0.03 -39.30 -21.01
C SER B 123 1.08 -40.24 -21.39
N SER B 124 0.71 -41.50 -21.53
CA SER B 124 1.63 -42.47 -22.10
C SER B 124 1.58 -42.51 -23.63
N ALA B 125 0.67 -41.73 -24.21
CA ALA B 125 0.45 -41.76 -25.66
C ALA B 125 1.67 -41.32 -26.43
N LYS B 126 1.76 -41.77 -27.66
CA LYS B 126 2.81 -41.30 -28.51
C LYS B 126 2.23 -40.43 -29.62
N THR B 127 2.99 -39.42 -30.00
CA THR B 127 2.59 -38.57 -31.09
C THR B 127 2.14 -39.37 -32.29
N THR B 128 0.92 -39.12 -32.76
CA THR B 128 0.24 -39.87 -33.83
C THR B 128 -0.57 -38.92 -34.68
N ALA B 129 -0.40 -38.96 -36.00
CA ALA B 129 -1.14 -38.05 -36.89
C ALA B 129 -2.60 -38.50 -37.03
N PRO B 130 -3.51 -37.54 -37.25
CA PRO B 130 -4.96 -37.84 -37.42
C PRO B 130 -5.28 -38.56 -38.74
N SER B 131 -6.29 -39.42 -38.74
CA SER B 131 -6.93 -39.87 -39.99
C SER B 131 -8.03 -38.87 -40.26
N VAL B 132 -8.17 -38.44 -41.51
CA VAL B 132 -9.19 -37.47 -41.79
C VAL B 132 -10.18 -38.02 -42.76
N TYR B 133 -11.44 -38.09 -42.37
CA TYR B 133 -12.41 -38.65 -43.27
C TYR B 133 -13.44 -37.57 -43.65
N PRO B 134 -13.79 -37.51 -44.94
CA PRO B 134 -14.83 -36.62 -45.38
C PRO B 134 -16.20 -37.26 -45.16
N LEU B 135 -17.19 -36.47 -44.76
CA LEU B 135 -18.50 -36.93 -44.44
C LEU B 135 -19.47 -36.25 -45.34
N ALA B 136 -20.18 -37.02 -46.18
CA ALA B 136 -21.06 -36.48 -47.22
C ALA B 136 -22.44 -37.03 -47.03
N PRO B 137 -23.50 -36.21 -47.30
CA PRO B 137 -24.90 -36.53 -46.93
C PRO B 137 -25.35 -37.90 -47.42
N VAL B 138 -26.27 -38.49 -46.67
CA VAL B 138 -26.79 -39.84 -46.97
C VAL B 138 -27.10 -39.89 -48.46
N CYS B 139 -26.74 -41.02 -49.10
CA CYS B 139 -26.64 -41.09 -50.56
C CYS B 139 -27.47 -40.07 -51.38
N GLY B 140 -26.73 -39.27 -52.18
CA GLY B 140 -27.13 -37.99 -52.77
C GLY B 140 -28.54 -37.86 -53.32
N ASP B 141 -29.39 -37.18 -52.55
CA ASP B 141 -30.81 -37.00 -52.90
C ASP B 141 -31.27 -35.52 -52.96
N THR B 142 -32.34 -35.25 -53.71
CA THR B 142 -33.03 -33.95 -53.68
C THR B 142 -33.60 -33.75 -52.27
N THR B 143 -33.05 -32.78 -51.55
CA THR B 143 -33.58 -32.42 -50.22
C THR B 143 -33.76 -30.90 -50.08
N GLY B 144 -33.93 -30.44 -48.83
CA GLY B 144 -34.24 -29.05 -48.50
C GLY B 144 -33.37 -27.96 -49.11
N SER B 145 -33.68 -26.72 -48.74
CA SER B 145 -32.83 -25.54 -49.02
C SER B 145 -31.36 -25.67 -48.47
N SER B 146 -31.19 -26.24 -47.27
CA SER B 146 -29.88 -26.46 -46.66
C SER B 146 -29.30 -27.79 -46.94
N VAL B 147 -27.98 -27.83 -47.10
CA VAL B 147 -27.22 -29.09 -47.08
C VAL B 147 -26.15 -29.05 -45.95
N THR B 148 -25.95 -30.17 -45.26
CA THR B 148 -24.91 -30.24 -44.23
C THR B 148 -23.85 -31.30 -44.59
N LEU B 149 -22.60 -30.90 -44.45
CA LEU B 149 -21.44 -31.77 -44.65
C LEU B 149 -20.60 -31.87 -43.36
N GLY B 150 -19.72 -32.85 -43.31
CA GLY B 150 -18.90 -33.02 -42.14
C GLY B 150 -17.51 -33.47 -42.43
N CYS B 151 -16.66 -33.42 -41.42
CA CYS B 151 -15.29 -33.85 -41.55
C CYS B 151 -14.91 -34.51 -40.23
N LEU B 152 -14.48 -35.81 -40.28
CA LEU B 152 -14.14 -36.56 -39.11
C LEU B 152 -12.64 -36.70 -38.97
N VAL B 153 -12.07 -36.16 -37.88
CA VAL B 153 -10.62 -36.20 -37.66
C VAL B 153 -10.35 -37.16 -36.50
N LYS B 154 -9.72 -38.30 -36.80
CA LYS B 154 -9.78 -39.44 -35.88
C LYS B 154 -8.43 -39.97 -35.45
N GLY B 155 -8.37 -40.33 -34.18
CA GLY B 155 -7.19 -40.95 -33.63
C GLY B 155 -5.87 -40.23 -33.68
N TYR B 156 -5.79 -39.00 -33.13
CA TYR B 156 -4.49 -38.31 -33.00
C TYR B 156 -4.10 -38.05 -31.57
N PHE B 157 -2.92 -37.46 -31.42
CA PHE B 157 -2.35 -37.09 -30.15
C PHE B 157 -1.04 -36.42 -30.47
N PRO B 158 -0.67 -35.37 -29.72
CA PRO B 158 -1.47 -34.74 -28.66
C PRO B 158 -2.35 -33.67 -29.31
N GLU B 159 -3.08 -32.88 -28.51
CA GLU B 159 -3.85 -31.74 -29.03
C GLU B 159 -2.85 -30.66 -29.31
N PRO B 160 -3.19 -29.68 -30.13
CA PRO B 160 -4.45 -29.42 -30.80
C PRO B 160 -4.47 -29.84 -32.26
N VAL B 161 -5.58 -29.57 -32.91
CA VAL B 161 -5.70 -29.77 -34.34
C VAL B 161 -6.36 -28.49 -34.80
N THR B 162 -6.03 -27.96 -35.97
CA THR B 162 -6.81 -26.82 -36.45
C THR B 162 -7.56 -27.30 -37.69
N LEU B 163 -8.81 -26.83 -37.82
CA LEU B 163 -9.66 -27.23 -38.92
C LEU B 163 -10.33 -26.04 -39.50
N THR B 164 -10.40 -26.04 -40.83
CA THR B 164 -11.06 -24.98 -41.58
C THR B 164 -11.75 -25.55 -42.82
N TRP B 165 -12.76 -24.81 -43.24
CA TRP B 165 -13.40 -25.17 -44.48
C TRP B 165 -12.94 -24.21 -45.56
N ASN B 166 -12.60 -24.74 -46.74
CA ASN B 166 -12.21 -23.91 -47.89
C ASN B 166 -11.20 -22.86 -47.49
N SER B 167 -10.11 -23.35 -46.90
CA SER B 167 -9.00 -22.56 -46.35
C SER B 167 -9.40 -21.34 -45.54
N GLY B 168 -10.57 -21.38 -44.92
CA GLY B 168 -11.04 -20.26 -44.13
C GLY B 168 -12.10 -19.42 -44.82
N SER B 169 -12.34 -19.65 -46.10
CA SER B 169 -13.32 -18.82 -46.80
C SER B 169 -14.77 -19.13 -46.41
N LEU B 170 -15.07 -20.37 -46.03
CA LEU B 170 -16.33 -20.72 -45.38
C LEU B 170 -16.18 -20.61 -43.89
N SER B 171 -16.68 -19.54 -43.28
CA SER B 171 -16.54 -19.36 -41.84
C SER B 171 -17.82 -19.62 -41.08
N SER B 172 -18.97 -19.31 -41.67
CA SER B 172 -20.25 -19.46 -40.97
C SER B 172 -21.09 -20.68 -41.32
N GLY B 173 -21.87 -21.10 -40.36
CA GLY B 173 -22.54 -22.39 -40.48
C GLY B 173 -21.62 -23.54 -40.18
N VAL B 174 -20.48 -23.24 -39.61
CA VAL B 174 -19.55 -24.23 -39.13
C VAL B 174 -19.76 -24.47 -37.63
N HIS B 175 -19.63 -25.74 -37.25
CA HIS B 175 -19.54 -26.13 -35.85
C HIS B 175 -18.38 -27.07 -35.80
N THR B 176 -17.37 -26.68 -35.04
CA THR B 176 -16.33 -27.61 -34.83
C THR B 176 -16.36 -28.03 -33.39
N PHE B 177 -16.45 -29.34 -33.15
CA PHE B 177 -16.69 -29.85 -31.78
C PHE B 177 -15.40 -30.04 -31.03
N PRO B 178 -15.46 -29.97 -29.70
CA PRO B 178 -14.31 -30.26 -28.88
C PRO B 178 -13.82 -31.71 -29.09
N ALA B 179 -12.51 -31.87 -29.11
CA ALA B 179 -11.90 -33.16 -29.23
C ALA B 179 -12.26 -33.94 -27.96
N VAL B 180 -12.38 -35.26 -28.10
CA VAL B 180 -12.51 -36.08 -26.91
C VAL B 180 -11.62 -37.34 -26.99
N LEU B 181 -11.15 -37.80 -25.82
CA LEU B 181 -10.32 -38.99 -25.70
C LEU B 181 -11.02 -40.33 -25.96
N GLN B 182 -10.48 -41.12 -26.90
CA GLN B 182 -10.81 -42.56 -27.06
C GLN B 182 -9.56 -43.32 -26.72
N SER B 183 -9.51 -43.94 -25.56
CA SER B 183 -8.24 -44.56 -25.16
C SER B 183 -7.12 -43.50 -25.09
N ASP B 184 -6.09 -43.66 -25.90
CA ASP B 184 -4.99 -42.77 -25.78
C ASP B 184 -5.19 -41.59 -26.72
N LEU B 185 -6.13 -41.72 -27.65
CA LEU B 185 -6.14 -40.78 -28.74
C LEU B 185 -7.34 -39.85 -28.77
N TYR B 186 -7.15 -38.68 -29.36
CA TYR B 186 -8.23 -37.71 -29.45
C TYR B 186 -8.91 -37.88 -30.79
N THR B 187 -10.20 -37.55 -30.84
CA THR B 187 -10.92 -37.42 -32.08
C THR B 187 -11.97 -36.28 -32.03
N LEU B 188 -12.23 -35.71 -33.20
CA LEU B 188 -12.94 -34.45 -33.27
C LEU B 188 -13.77 -34.45 -34.56
N SER B 189 -14.80 -33.62 -34.64
CA SER B 189 -15.58 -33.57 -35.88
C SER B 189 -15.90 -32.12 -36.15
N SER B 190 -16.18 -31.81 -37.41
CA SER B 190 -16.75 -30.48 -37.72
C SER B 190 -17.83 -30.66 -38.83
N SER B 191 -18.93 -29.90 -38.71
CA SER B 191 -20.00 -29.89 -39.69
C SER B 191 -20.05 -28.49 -40.38
N VAL B 192 -20.45 -28.41 -41.66
CA VAL B 192 -20.80 -27.15 -42.31
C VAL B 192 -22.12 -27.25 -43.00
N THR B 193 -22.97 -26.23 -42.77
CA THR B 193 -24.25 -26.10 -43.45
C THR B 193 -24.21 -24.98 -44.48
N VAL B 194 -24.82 -25.24 -45.62
CA VAL B 194 -24.65 -24.48 -46.83
C VAL B 194 -25.90 -24.63 -47.70
N THR B 195 -26.27 -23.60 -48.45
CA THR B 195 -27.46 -23.69 -49.32
C THR B 195 -27.33 -24.80 -50.35
N SER B 196 -28.38 -25.61 -50.45
CA SER B 196 -28.44 -26.74 -51.36
C SER B 196 -27.89 -26.47 -52.77
N SER B 197 -28.07 -25.24 -53.28
CA SER B 197 -27.51 -24.84 -54.58
C SER B 197 -25.98 -24.83 -54.64
N THR B 198 -25.36 -24.37 -53.56
CA THR B 198 -23.89 -24.27 -53.40
C THR B 198 -23.10 -25.55 -53.67
N ARG B 199 -23.44 -26.65 -53.00
CA ARG B 199 -22.79 -27.95 -53.29
C ARG B 199 -23.83 -29.02 -53.63
N PRO B 200 -23.47 -30.05 -54.44
CA PRO B 200 -22.18 -30.47 -55.06
C PRO B 200 -21.65 -29.48 -56.11
N SER B 201 -22.53 -28.58 -56.53
CA SER B 201 -22.25 -27.58 -57.54
C SER B 201 -20.85 -26.94 -57.40
N GLN B 202 -20.65 -26.18 -56.34
CA GLN B 202 -19.34 -25.64 -55.97
C GLN B 202 -18.57 -26.64 -55.09
N SER B 203 -17.35 -26.28 -54.71
CA SER B 203 -16.45 -27.23 -54.07
C SER B 203 -16.21 -26.93 -52.59
N ILE B 204 -16.38 -27.96 -51.74
CA ILE B 204 -16.11 -27.86 -50.30
C ILE B 204 -15.00 -28.81 -49.80
N THR B 205 -13.97 -28.21 -49.21
CA THR B 205 -12.84 -28.99 -48.72
C THR B 205 -12.62 -28.70 -47.26
N CYS B 206 -12.37 -29.78 -46.52
CA CYS B 206 -12.08 -29.73 -45.12
C CYS B 206 -10.59 -29.64 -45.01
N ASN B 207 -10.11 -28.64 -44.27
CA ASN B 207 -8.64 -28.49 -44.08
C ASN B 207 -8.13 -28.84 -42.69
N VAL B 208 -7.45 -29.97 -42.53
CA VAL B 208 -6.94 -30.31 -41.20
C VAL B 208 -5.43 -30.16 -41.07
N ALA B 209 -5.01 -29.52 -39.99
CA ALA B 209 -3.58 -29.38 -39.65
C ALA B 209 -3.26 -29.80 -38.21
N HIS B 210 -2.26 -30.67 -38.06
CA HIS B 210 -1.87 -31.21 -36.77
C HIS B 210 -0.40 -30.99 -36.71
N PRO B 211 0.00 -29.94 -35.99
CA PRO B 211 1.34 -29.37 -36.03
C PRO B 211 2.39 -30.26 -35.35
N ALA B 212 1.94 -31.01 -34.35
CA ALA B 212 2.77 -31.97 -33.62
C ALA B 212 3.34 -33.07 -34.48
N SER B 213 2.65 -33.41 -35.56
CA SER B 213 3.11 -34.48 -36.43
C SER B 213 3.45 -33.87 -37.78
N SER B 214 3.41 -32.54 -37.84
CA SER B 214 3.65 -31.79 -39.08
C SER B 214 2.83 -32.33 -40.22
N THR B 215 1.59 -32.73 -39.94
CA THR B 215 0.61 -33.02 -41.00
C THR B 215 -0.31 -31.85 -41.36
N LYS B 216 -0.72 -31.81 -42.64
CA LYS B 216 -1.73 -30.89 -43.26
C LYS B 216 -2.45 -31.68 -44.32
N VAL B 217 -3.69 -32.08 -44.09
CA VAL B 217 -4.35 -32.81 -45.14
C VAL B 217 -5.58 -32.05 -45.48
N ASP B 218 -5.99 -32.19 -46.75
CA ASP B 218 -7.22 -31.59 -47.30
C ASP B 218 -8.15 -32.70 -47.78
N LYS B 219 -9.41 -32.71 -47.32
CA LYS B 219 -10.35 -33.67 -47.89
C LYS B 219 -11.51 -32.97 -48.56
N LYS B 220 -11.67 -33.21 -49.86
CA LYS B 220 -12.77 -32.63 -50.62
C LYS B 220 -13.98 -33.50 -50.37
N ILE B 221 -15.12 -32.86 -50.08
CA ILE B 221 -16.33 -33.61 -49.80
C ILE B 221 -16.92 -34.06 -51.14
N GLU B 222 -17.07 -35.38 -51.28
CA GLU B 222 -17.39 -35.99 -52.57
C GLU B 222 -18.72 -36.70 -52.46
N PRO B 223 -19.73 -36.27 -53.26
CA PRO B 223 -21.08 -36.84 -53.31
C PRO B 223 -21.10 -38.37 -53.42
N ARG B 224 -21.94 -39.05 -52.65
CA ARG B 224 -21.96 -40.52 -52.67
C ARG B 224 -22.81 -41.09 -53.83
N GLY B 225 -22.58 -42.36 -54.16
CA GLY B 225 -23.39 -43.05 -55.17
C GLY B 225 -23.10 -44.54 -55.35
N PHE C 10 15.85 35.42 45.65
CA PHE C 10 14.58 36.19 45.39
C PHE C 10 13.31 35.35 45.42
N ALA C 11 12.30 35.74 46.22
CA ALA C 11 11.13 34.89 46.55
C ALA C 11 10.07 34.73 45.45
N SER C 12 10.25 35.42 44.33
CA SER C 12 9.37 35.26 43.16
C SER C 12 9.95 34.33 42.06
N GLN C 13 11.03 33.65 42.39
CA GLN C 13 11.50 32.55 41.56
C GLN C 13 10.53 31.35 41.69
N ALA C 14 9.64 31.40 42.68
CA ALA C 14 8.77 30.26 43.02
C ALA C 14 7.70 29.99 41.98
N VAL C 15 7.51 30.94 41.06
CA VAL C 15 6.52 30.84 39.97
C VAL C 15 6.99 29.91 38.84
N ALA C 16 8.21 29.44 38.97
CA ALA C 16 8.74 28.48 38.03
C ALA C 16 8.18 27.06 38.26
N LYS C 17 7.80 26.75 39.52
CA LYS C 17 7.36 25.40 39.96
C LYS C 17 6.18 24.88 39.18
N PRO C 18 5.12 25.70 39.09
CA PRO C 18 3.97 25.24 38.29
C PRO C 18 4.37 24.77 36.86
N TYR C 19 5.20 25.58 36.19
CA TYR C 19 5.63 25.36 34.82
C TYR C 19 6.44 24.09 34.74
N PHE C 20 7.31 23.88 35.72
CA PHE C 20 8.07 22.62 35.79
C PHE C 20 7.21 21.40 36.08
N VAL C 21 6.35 21.46 37.09
CA VAL C 21 5.43 20.35 37.39
C VAL C 21 4.60 19.98 36.16
N PHE C 22 4.00 21.00 35.54
CA PHE C 22 3.09 20.78 34.42
C PHE C 22 3.77 20.19 33.21
N ALA C 23 5.00 20.64 32.98
CA ALA C 23 5.79 20.15 31.89
C ALA C 23 6.00 18.66 32.09
N LEU C 24 6.26 18.24 33.33
CA LEU C 24 6.50 16.82 33.62
C LEU C 24 5.22 15.98 33.51
N ILE C 25 4.08 16.59 33.81
CA ILE C 25 2.79 15.93 33.72
C ILE C 25 2.55 15.59 32.22
N LEU C 26 2.77 16.60 31.37
CA LEU C 26 2.48 16.50 29.93
C LEU C 26 3.48 15.60 29.22
N PHE C 27 4.67 15.54 29.80
CA PHE C 27 5.71 14.65 29.35
C PHE C 27 5.31 13.15 29.54
N VAL C 28 4.65 12.81 30.66
CA VAL C 28 4.14 11.44 30.87
C VAL C 28 3.10 11.06 29.81
N GLY C 29 2.23 12.03 29.49
CA GLY C 29 1.27 11.91 28.41
C GLY C 29 1.96 11.59 27.09
N GLN C 30 2.89 12.47 26.70
CA GLN C 30 3.60 12.36 25.44
C GLN C 30 4.12 10.99 25.27
N ILE C 31 4.74 10.46 26.32
CA ILE C 31 5.34 9.13 26.21
C ILE C 31 4.28 8.06 25.97
N LEU C 32 3.17 8.16 26.70
CA LEU C 32 2.10 7.19 26.58
C LEU C 32 1.56 7.16 25.14
N PHE C 33 1.39 8.33 24.54
CA PHE C 33 0.92 8.39 23.18
C PHE C 33 1.96 7.94 22.17
N GLY C 34 3.23 8.16 22.48
CA GLY C 34 4.29 7.45 21.78
C GLY C 34 4.02 5.91 21.74
N LEU C 35 3.86 5.27 22.90
CA LEU C 35 3.81 3.83 22.99
C LEU C 35 2.63 3.23 22.20
N ILE C 36 1.56 4.00 22.15
CA ILE C 36 0.44 3.64 21.33
C ILE C 36 0.83 3.56 19.83
N MET C 37 1.45 4.62 19.32
CA MET C 37 1.86 4.64 17.93
C MET C 37 2.82 3.49 17.65
N GLY C 38 3.73 3.28 18.62
CA GLY C 38 4.73 2.22 18.57
C GLY C 38 4.09 0.89 18.23
N LEU C 39 2.94 0.65 18.87
CA LEU C 39 2.24 -0.62 18.81
C LEU C 39 1.42 -0.69 17.50
N GLN C 40 0.86 0.47 17.15
CA GLN C 40 0.14 0.61 15.89
C GLN C 40 0.98 0.31 14.65
N TYR C 41 2.30 0.47 14.75
CA TYR C 41 3.15 0.28 13.61
C TYR C 41 3.00 -1.13 13.25
N VAL C 42 3.06 -1.97 14.28
CA VAL C 42 3.20 -3.43 14.11
C VAL C 42 1.91 -4.20 14.34
N VAL C 43 0.96 -3.57 14.99
CA VAL C 43 -0.43 -4.02 14.94
C VAL C 43 -1.30 -2.91 14.34
N GLY C 44 -1.45 -2.98 13.02
CA GLY C 44 -2.05 -1.88 12.25
C GLY C 44 -3.45 -1.41 12.62
N ASP C 45 -4.28 -2.29 13.15
CA ASP C 45 -5.64 -1.92 13.59
C ASP C 45 -5.77 -1.56 15.08
N PHE C 46 -4.69 -1.67 15.86
CA PHE C 46 -4.74 -1.32 17.31
C PHE C 46 -5.28 0.07 17.65
N LEU C 47 -6.37 0.13 18.41
CA LEU C 47 -7.13 1.35 18.75
C LEU C 47 -7.93 2.00 17.62
N PHE C 48 -8.06 1.29 16.50
CA PHE C 48 -8.85 1.73 15.34
C PHE C 48 -10.28 1.14 15.40
N PRO C 49 -11.32 1.95 15.04
CA PRO C 49 -11.28 3.33 14.57
C PRO C 49 -11.14 4.37 15.68
N ALA C 50 -11.37 3.98 16.93
CA ALA C 50 -11.48 4.93 18.05
C ALA C 50 -10.40 6.01 18.07
N ILE C 51 -9.15 5.60 17.97
CA ILE C 51 -7.99 6.50 17.96
C ILE C 51 -7.04 6.14 16.78
N PRO C 52 -7.24 6.83 15.65
CA PRO C 52 -6.39 6.53 14.50
C PRO C 52 -4.94 6.96 14.77
N PHE C 53 -4.02 6.39 14.02
CA PHE C 53 -2.62 6.81 14.11
C PHE C 53 -2.41 8.34 14.06
N ASN C 54 -3.00 9.05 13.09
CA ASN C 54 -2.67 10.45 12.95
C ASN C 54 -3.12 11.30 14.18
N VAL C 55 -4.18 10.87 14.86
CA VAL C 55 -4.61 11.51 16.09
C VAL C 55 -3.59 11.27 17.23
N ALA C 56 -3.19 10.00 17.46
CA ALA C 56 -2.22 9.68 18.50
C ALA C 56 -0.99 10.46 18.25
N ARG C 57 -0.61 10.57 16.97
CA ARG C 57 0.60 11.32 16.59
C ARG C 57 0.55 12.80 16.97
N MET C 58 -0.50 13.50 16.53
CA MET C 58 -0.59 14.94 16.88
C MET C 58 -0.62 15.20 18.42
N VAL C 59 -1.20 14.28 19.19
CA VAL C 59 -1.16 14.35 20.61
C VAL C 59 0.28 14.14 21.08
N HIS C 60 0.96 13.11 20.54
CA HIS C 60 2.35 12.81 20.97
C HIS C 60 3.20 14.03 20.63
N THR C 61 2.91 14.55 19.44
CA THR C 61 3.74 15.59 18.89
C THR C 61 3.55 16.97 19.56
N ASN C 62 2.30 17.40 19.75
CA ASN C 62 1.99 18.65 20.44
C ASN C 62 2.37 18.65 21.92
N LEU C 63 2.12 17.53 22.63
CA LEU C 63 2.56 17.46 24.03
C LEU C 63 4.06 17.68 24.14
N LEU C 64 4.85 17.04 23.26
CA LEU C 64 6.31 17.22 23.33
C LEU C 64 6.60 18.74 23.30
N ILE C 65 6.08 19.44 22.26
CA ILE C 65 6.36 20.88 22.05
C ILE C 65 5.84 21.75 23.18
N VAL C 66 4.55 21.55 23.53
CA VAL C 66 3.94 22.26 24.67
C VAL C 66 4.74 22.06 25.99
N TRP C 67 5.05 20.80 26.34
CA TRP C 67 5.75 20.61 27.61
C TRP C 67 7.13 21.27 27.63
N LEU C 68 7.85 21.20 26.50
CA LEU C 68 9.14 21.92 26.41
C LEU C 68 9.01 23.46 26.59
N LEU C 69 7.94 24.01 26.04
CA LEU C 69 7.61 25.41 26.17
C LEU C 69 7.31 25.75 27.63
N PHE C 70 6.64 24.85 28.35
CA PHE C 70 6.48 25.05 29.79
C PHE C 70 7.85 25.01 30.49
N GLY C 71 8.72 24.09 30.08
CA GLY C 71 10.01 23.98 30.72
C GLY C 71 10.79 25.25 30.46
N PHE C 72 10.65 25.75 29.24
CA PHE C 72 11.38 26.97 28.89
C PHE C 72 10.92 28.15 29.71
N MET C 73 9.61 28.34 29.86
CA MET C 73 9.12 29.47 30.67
C MET C 73 9.56 29.28 32.12
N GLY C 74 9.36 28.07 32.65
CA GLY C 74 9.96 27.70 33.94
C GLY C 74 11.39 28.22 34.09
N ALA C 75 12.29 27.67 33.26
CA ALA C 75 13.70 28.04 33.29
C ALA C 75 13.88 29.57 33.32
N ALA C 76 13.20 30.26 32.39
CA ALA C 76 13.28 31.72 32.31
C ALA C 76 12.82 32.37 33.62
N TYR C 77 11.66 31.97 34.13
CA TYR C 77 11.13 32.53 35.37
C TYR C 77 12.12 32.31 36.51
N TYR C 78 12.74 31.13 36.57
CA TYR C 78 13.71 30.87 37.62
C TYR C 78 14.98 31.72 37.46
N LEU C 79 15.75 31.47 36.41
CA LEU C 79 17.08 32.07 36.28
C LEU C 79 17.11 33.62 36.04
N VAL C 80 16.13 34.13 35.30
CA VAL C 80 16.09 35.57 35.04
C VAL C 80 16.18 36.51 36.28
N PRO C 81 15.35 36.30 37.34
CA PRO C 81 15.48 37.17 38.52
C PRO C 81 16.89 37.14 39.12
N GLU C 82 17.47 35.96 39.36
CA GLU C 82 18.88 35.85 39.79
C GLU C 82 19.86 36.68 38.95
N GLU C 83 19.77 36.54 37.63
CA GLU C 83 20.58 37.27 36.64
C GLU C 83 20.38 38.79 36.61
N SER C 84 19.13 39.22 36.64
CA SER C 84 18.77 40.63 36.70
C SER C 84 19.08 41.22 38.12
N ASP C 85 19.30 40.33 39.09
CA ASP C 85 19.40 40.71 40.49
C ASP C 85 18.16 41.53 40.84
N CYS C 86 17.00 40.91 40.72
CA CYS C 86 15.72 41.61 40.77
C CYS C 86 14.63 40.67 41.24
N GLU C 87 13.55 41.24 41.76
CA GLU C 87 12.31 40.49 41.88
C GLU C 87 11.71 40.51 40.48
N LEU C 88 11.13 39.36 40.09
CA LEU C 88 10.42 39.19 38.81
C LEU C 88 9.30 40.21 38.71
N TYR C 89 9.28 40.90 37.58
CA TYR C 89 8.36 42.01 37.36
C TYR C 89 6.91 41.80 37.90
N SER C 90 6.27 40.71 37.54
CA SER C 90 4.90 40.44 37.99
C SER C 90 4.79 38.95 38.31
N PRO C 91 4.93 38.61 39.60
CA PRO C 91 4.72 37.20 39.99
C PRO C 91 3.27 36.71 39.87
N LYS C 92 2.28 37.61 39.86
CA LYS C 92 0.88 37.23 39.62
C LYS C 92 0.62 36.88 38.14
N LEU C 93 1.16 37.72 37.24
CA LEU C 93 1.00 37.58 35.80
C LEU C 93 1.70 36.32 35.34
N ALA C 94 2.78 35.95 36.03
CA ALA C 94 3.33 34.61 35.90
C ALA C 94 2.25 33.59 36.24
N TRP C 95 1.60 33.77 37.39
CA TRP C 95 0.63 32.78 37.87
C TRP C 95 -0.66 32.72 37.09
N ILE C 96 -1.04 33.83 36.49
CA ILE C 96 -2.26 33.88 35.64
C ILE C 96 -1.95 33.36 34.23
N LEU C 97 -0.80 33.76 33.68
CA LEU C 97 -0.37 33.25 32.41
C LEU C 97 -0.03 31.78 32.48
N PHE C 98 0.15 31.24 33.68
CA PHE C 98 0.29 29.79 33.82
C PHE C 98 -1.03 29.03 33.59
N TRP C 99 -2.14 29.61 34.04
CA TRP C 99 -3.45 28.99 33.87
C TRP C 99 -4.01 29.15 32.47
N VAL C 100 -3.73 30.29 31.84
CA VAL C 100 -4.13 30.50 30.45
C VAL C 100 -3.46 29.42 29.54
N PHE C 101 -2.14 29.33 29.59
CA PHE C 101 -1.37 28.35 28.84
C PHE C 101 -1.82 26.89 29.06
N ALA C 102 -1.87 26.45 30.31
CA ALA C 102 -2.23 25.08 30.64
C ALA C 102 -3.67 24.71 30.30
N ALA C 103 -4.60 25.65 30.54
CA ALA C 103 -5.98 25.51 30.04
C ALA C 103 -5.96 25.27 28.53
N ALA C 104 -5.51 26.28 27.76
CA ALA C 104 -5.40 26.18 26.31
C ALA C 104 -4.60 24.92 25.88
N GLY C 105 -3.70 24.46 26.72
CA GLY C 105 -2.98 23.24 26.38
C GLY C 105 -3.92 22.06 26.42
N VAL C 106 -4.44 21.76 27.62
CA VAL C 106 -5.32 20.62 27.81
C VAL C 106 -6.48 20.69 26.82
N LEU C 107 -7.01 21.89 26.59
CA LEU C 107 -8.19 22.06 25.74
C LEU C 107 -7.94 21.58 24.34
N THR C 108 -6.87 22.06 23.72
CA THR C 108 -6.53 21.64 22.34
C THR C 108 -6.18 20.11 22.15
N ILE C 109 -5.50 19.52 23.15
CA ILE C 109 -5.32 18.06 23.23
C ILE C 109 -6.63 17.28 23.29
N LEU C 110 -7.64 17.82 23.97
CA LEU C 110 -8.95 17.22 24.04
C LEU C 110 -9.69 17.44 22.72
N GLY C 111 -9.40 18.54 22.03
CA GLY C 111 -9.97 18.80 20.71
C GLY C 111 -9.68 17.64 19.77
N TYR C 112 -8.41 17.29 19.67
CA TYR C 112 -7.87 16.17 18.90
C TYR C 112 -8.56 14.82 19.15
N LEU C 113 -8.61 14.40 20.43
CA LEU C 113 -9.17 13.10 20.80
C LEU C 113 -10.66 13.05 20.66
N LEU C 114 -11.35 14.14 20.97
CA LEU C 114 -12.81 14.08 21.16
C LEU C 114 -13.64 14.32 19.89
N VAL C 115 -13.11 15.10 18.96
CA VAL C 115 -13.79 15.31 17.67
C VAL C 115 -12.97 14.88 16.45
N PRO C 116 -13.57 14.15 15.46
CA PRO C 116 -12.88 13.90 14.20
C PRO C 116 -12.23 15.18 13.68
N TYR C 117 -10.90 15.15 13.46
CA TYR C 117 -10.13 16.34 13.05
C TYR C 117 -10.82 17.40 12.12
N ALA C 118 -11.43 16.97 11.00
CA ALA C 118 -12.18 17.85 10.07
C ALA C 118 -13.31 18.62 10.78
N GLY C 119 -13.95 17.92 11.74
CA GLY C 119 -14.97 18.49 12.60
C GLY C 119 -14.44 19.57 13.51
N LEU C 120 -13.25 19.32 14.06
CA LEU C 120 -12.51 20.27 14.88
C LEU C 120 -12.11 21.53 14.11
N ALA C 121 -11.68 21.37 12.86
CA ALA C 121 -11.46 22.50 11.96
C ALA C 121 -12.75 23.31 11.83
N ARG C 122 -13.85 22.65 11.47
CA ARG C 122 -15.18 23.27 11.42
C ARG C 122 -15.56 23.92 12.76
N LEU C 123 -15.65 23.10 13.81
CA LEU C 123 -15.98 23.59 15.16
C LEU C 123 -15.21 24.84 15.55
N THR C 124 -13.90 24.87 15.33
CA THR C 124 -13.09 26.04 15.74
C THR C 124 -13.04 27.19 14.71
N GLY C 125 -13.84 27.08 13.66
CA GLY C 125 -13.86 28.10 12.61
C GLY C 125 -12.55 28.23 11.85
N ASN C 126 -11.98 27.09 11.49
CA ASN C 126 -10.75 27.07 10.71
C ASN C 126 -11.02 27.53 9.28
N GLU C 127 -12.29 27.52 8.91
CA GLU C 127 -12.77 28.10 7.66
C GLU C 127 -12.27 29.52 7.41
N LEU C 128 -12.55 30.42 8.37
CA LEU C 128 -12.22 31.83 8.28
C LEU C 128 -10.71 32.07 8.08
N TRP C 129 -9.90 31.45 8.95
CA TRP C 129 -8.43 31.64 8.99
C TRP C 129 -7.69 30.28 9.08
N PRO C 130 -7.51 29.58 7.94
CA PRO C 130 -7.04 28.18 7.97
C PRO C 130 -5.54 27.99 8.29
N THR C 131 -5.23 27.45 9.47
CA THR C 131 -3.85 27.15 9.91
C THR C 131 -3.60 25.69 10.27
N MET C 132 -4.68 24.87 10.30
CA MET C 132 -4.66 23.48 10.79
C MET C 132 -4.16 22.48 9.78
N GLY C 133 -3.77 21.29 10.27
CA GLY C 133 -3.42 20.14 9.41
C GLY C 133 -2.04 20.22 8.79
N ARG C 134 -1.19 21.04 9.44
CA ARG C 134 0.22 21.11 9.07
C ARG C 134 0.99 20.47 10.21
N GLU C 135 2.04 19.75 9.85
CA GLU C 135 2.78 19.05 10.87
C GLU C 135 3.32 19.98 12.04
N PHE C 136 3.16 19.53 13.30
CA PHE C 136 3.51 20.31 14.49
C PHE C 136 2.62 21.54 14.73
N LEU C 137 1.79 21.83 13.72
CA LEU C 137 0.86 22.95 13.72
C LEU C 137 -0.61 22.50 13.62
N GLU C 138 -0.93 21.33 14.17
CA GLU C 138 -2.29 20.74 14.13
C GLU C 138 -3.29 21.43 15.06
N GLN C 139 -2.76 22.31 15.95
CA GLN C 139 -3.61 23.12 16.84
C GLN C 139 -4.46 24.16 16.11
N PRO C 140 -5.79 24.23 16.43
CA PRO C 140 -6.69 25.17 15.75
C PRO C 140 -6.15 26.58 15.85
N THR C 141 -6.62 27.46 14.98
CA THR C 141 -6.16 28.86 14.90
C THR C 141 -6.34 29.69 16.21
N ILE C 142 -7.39 29.38 16.95
CA ILE C 142 -7.64 29.96 18.28
C ILE C 142 -6.65 29.42 19.31
N SER C 143 -6.32 28.13 19.22
CA SER C 143 -5.34 27.50 20.08
C SER C 143 -4.04 28.22 19.93
N LYS C 144 -3.67 28.50 18.68
CA LYS C 144 -2.44 29.24 18.36
C LYS C 144 -2.50 30.68 18.94
N ALA C 145 -3.59 31.41 18.62
CA ALA C 145 -3.82 32.74 19.19
C ALA C 145 -3.57 32.75 20.71
N GLY C 146 -4.19 31.81 21.41
CA GLY C 146 -3.92 31.58 22.83
C GLY C 146 -2.44 31.52 23.18
N ILE C 147 -1.68 30.75 22.41
CA ILE C 147 -0.26 30.58 22.69
C ILE C 147 0.52 31.89 22.47
N VAL C 148 0.04 32.77 21.60
CA VAL C 148 0.74 34.05 21.32
C VAL C 148 0.56 35.04 22.50
N ILE C 149 -0.68 35.23 22.95
CA ILE C 149 -0.99 36.04 24.14
C ILE C 149 -0.22 35.55 25.36
N VAL C 150 -0.23 34.23 25.61
CA VAL C 150 0.58 33.69 26.69
C VAL C 150 2.03 34.12 26.44
N ALA C 151 2.55 33.82 25.25
CA ALA C 151 3.93 34.20 24.87
C ALA C 151 4.26 35.72 25.02
N LEU C 152 3.31 36.60 24.64
CA LEU C 152 3.53 38.06 24.73
C LEU C 152 3.49 38.56 26.18
N GLY C 153 2.55 38.05 26.97
CA GLY C 153 2.54 38.36 28.39
C GLY C 153 3.83 37.93 29.03
N PHE C 154 4.28 36.72 28.68
CA PHE C 154 5.51 36.12 29.21
C PHE C 154 6.76 36.93 28.82
N LEU C 155 6.88 37.28 27.54
CA LEU C 155 8.01 38.08 27.06
C LEU C 155 8.08 39.46 27.76
N PHE C 156 6.95 40.14 27.82
CA PHE C 156 6.83 41.36 28.55
C PHE C 156 7.23 41.14 30.02
N ASN C 157 6.59 40.19 30.68
CA ASN C 157 6.85 39.92 32.09
C ASN C 157 8.34 39.72 32.39
N VAL C 158 8.94 38.74 31.74
CA VAL C 158 10.34 38.36 32.00
C VAL C 158 11.29 39.42 31.44
N GLY C 159 10.82 40.20 30.45
CA GLY C 159 11.64 41.22 29.76
C GLY C 159 11.77 42.50 30.56
N MET C 160 10.67 42.89 31.18
CA MET C 160 10.65 43.99 32.14
C MET C 160 11.65 43.73 33.28
N THR C 161 11.63 42.51 33.80
CA THR C 161 12.56 42.14 34.84
C THR C 161 13.96 42.44 34.35
N VAL C 162 14.34 41.91 33.19
CA VAL C 162 15.68 42.17 32.62
C VAL C 162 15.99 43.68 32.48
N LEU C 163 15.02 44.47 32.03
CA LEU C 163 15.25 45.89 31.73
C LEU C 163 15.64 46.70 32.91
N ARG C 164 15.05 46.42 34.07
CA ARG C 164 15.43 47.08 35.31
C ARG C 164 16.39 46.15 36.05
N GLY C 165 17.45 46.69 36.61
CA GLY C 165 18.47 45.79 37.18
C GLY C 165 19.36 45.23 36.10
N ARG C 166 20.24 44.29 36.48
CA ARG C 166 21.38 43.90 35.63
C ARG C 166 21.13 43.18 34.25
N LYS C 167 21.96 43.58 33.28
CA LYS C 167 22.16 42.89 32.01
C LYS C 167 23.35 41.96 32.23
N THR C 168 23.15 40.68 31.99
CA THR C 168 24.22 39.69 31.93
C THR C 168 24.10 39.06 30.54
N ALA C 169 25.19 38.48 30.05
CA ALA C 169 25.19 37.79 28.77
C ALA C 169 24.11 36.73 28.78
N ILE C 170 24.06 35.98 29.89
CA ILE C 170 23.05 34.95 30.07
C ILE C 170 21.62 35.52 29.93
N SER C 171 21.30 36.59 30.65
CA SER C 171 20.04 37.31 30.50
C SER C 171 19.71 37.61 29.04
N MET C 172 20.62 38.30 28.37
CA MET C 172 20.36 38.88 27.03
C MET C 172 20.11 37.79 26.02
N VAL C 173 20.98 36.79 26.02
CA VAL C 173 20.88 35.65 25.11
C VAL C 173 19.57 34.90 25.28
N LEU C 174 19.27 34.40 26.49
CA LEU C 174 17.96 33.82 26.78
C LEU C 174 16.84 34.72 26.26
N MET C 175 16.92 36.02 26.48
CA MET C 175 15.84 36.91 26.02
C MET C 175 15.69 36.89 24.49
N THR C 176 16.83 37.03 23.82
CA THR C 176 16.93 37.05 22.36
C THR C 176 16.38 35.74 21.77
N GLY C 177 16.69 34.65 22.49
CA GLY C 177 16.15 33.32 22.20
C GLY C 177 14.63 33.28 22.27
N LEU C 178 14.06 33.82 23.36
CA LEU C 178 12.61 33.75 23.58
C LEU C 178 11.86 34.68 22.68
N ILE C 179 12.41 35.86 22.45
CA ILE C 179 11.80 36.82 21.52
C ILE C 179 11.77 36.15 20.14
N GLY C 180 12.92 35.60 19.76
CA GLY C 180 13.02 34.84 18.51
C GLY C 180 12.04 33.67 18.38
N LEU C 181 11.85 32.93 19.46
CA LEU C 181 10.81 31.91 19.47
C LEU C 181 9.39 32.44 19.14
N ALA C 182 8.85 33.37 19.96
CA ALA C 182 7.49 33.94 19.72
C ALA C 182 7.34 34.62 18.35
N LEU C 183 8.27 35.53 18.02
CA LEU C 183 8.29 36.09 16.65
C LEU C 183 8.15 35.06 15.50
N LEU C 184 9.06 34.08 15.39
CA LEU C 184 8.98 33.06 14.33
C LEU C 184 7.69 32.25 14.44
N PHE C 185 7.14 32.08 15.65
CA PHE C 185 5.83 31.41 15.76
C PHE C 185 4.69 32.11 14.97
N LEU C 186 4.90 33.37 14.62
CA LEU C 186 3.88 34.14 13.92
C LEU C 186 3.66 33.56 12.53
N PHE C 187 4.71 33.04 11.89
CA PHE C 187 4.57 32.37 10.57
C PHE C 187 3.60 31.18 10.54
N SER C 188 3.25 30.67 11.73
CA SER C 188 2.32 29.56 11.88
C SER C 188 0.87 30.02 11.71
N PHE C 189 0.72 31.32 11.50
CA PHE C 189 -0.56 31.92 11.14
C PHE C 189 -0.61 32.18 9.63
N TYR C 190 0.58 32.17 9.02
CA TYR C 190 0.74 32.38 7.57
C TYR C 190 0.80 31.03 6.78
N ASN C 191 -0.31 30.72 6.11
CA ASN C 191 -0.51 29.45 5.41
C ASN C 191 -0.80 29.64 3.91
N PRO C 192 0.24 29.72 3.06
CA PRO C 192 0.05 29.99 1.62
C PRO C 192 -0.75 28.89 0.94
N GLU C 193 -1.45 29.24 -0.12
CA GLU C 193 -2.19 28.26 -0.86
C GLU C 193 -1.22 27.46 -1.71
N ASN C 194 -0.03 27.98 -1.96
CA ASN C 194 0.96 27.19 -2.72
C ASN C 194 1.80 26.25 -1.86
N LEU C 195 1.79 24.96 -2.23
CA LEU C 195 2.36 23.90 -1.38
C LEU C 195 3.81 24.19 -1.04
N THR C 196 4.59 24.49 -2.08
CA THR C 196 6.01 24.78 -1.88
C THR C 196 6.18 26.00 -0.98
N ARG C 197 5.43 27.07 -1.24
CA ARG C 197 5.50 28.30 -0.43
C ARG C 197 5.13 27.99 1.01
N ASP C 198 4.12 27.14 1.22
CA ASP C 198 3.74 26.64 2.52
C ASP C 198 4.94 25.94 3.18
N LYS C 199 5.53 24.96 2.48
CA LYS C 199 6.70 24.23 3.02
C LYS C 199 7.90 25.12 3.34
N PHE C 200 8.26 25.98 2.39
CA PHE C 200 9.30 26.99 2.57
C PHE C 200 9.18 27.72 3.93
N TYR C 201 7.99 28.25 4.21
CA TYR C 201 7.76 29.00 5.43
C TYR C 201 7.55 28.14 6.65
N TRP C 202 7.19 26.87 6.45
CA TRP C 202 6.94 25.98 7.60
C TRP C 202 8.24 25.78 8.40
N TRP C 203 9.33 25.58 7.67
CA TRP C 203 10.66 25.47 8.23
C TRP C 203 11.18 26.72 8.97
N TRP C 204 10.58 27.89 8.71
CA TRP C 204 10.97 29.11 9.43
C TRP C 204 10.55 29.03 10.88
N VAL C 205 9.61 28.12 11.15
CA VAL C 205 9.17 27.86 12.51
C VAL C 205 10.01 26.69 13.07
N VAL C 206 9.91 25.53 12.40
CA VAL C 206 10.44 24.30 12.95
C VAL C 206 11.99 24.28 13.09
N HIS C 207 12.69 24.67 12.02
CA HIS C 207 14.15 24.63 11.98
C HIS C 207 14.81 25.83 12.69
N LEU C 208 14.35 27.05 12.38
CA LEU C 208 14.89 28.24 13.05
C LEU C 208 14.56 28.28 14.50
N TRP C 209 13.55 27.49 14.93
CA TRP C 209 13.36 27.25 16.39
C TRP C 209 14.52 26.37 16.80
N VAL C 210 14.45 25.17 16.28
CA VAL C 210 15.13 24.03 16.86
C VAL C 210 16.67 24.03 16.64
N GLU C 211 17.16 24.44 15.47
CA GLU C 211 18.61 24.69 15.25
C GLU C 211 19.01 26.21 15.27
N GLY C 212 18.08 27.06 15.73
CA GLY C 212 18.25 28.51 15.75
C GLY C 212 18.09 29.06 17.16
N VAL C 213 16.98 29.79 17.36
CA VAL C 213 16.68 30.46 18.62
C VAL C 213 16.61 29.53 19.86
N TRP C 214 16.16 28.27 19.65
CA TRP C 214 16.09 27.24 20.71
C TRP C 214 17.47 26.85 21.24
N GLU C 215 18.49 26.95 20.39
CA GLU C 215 19.90 26.86 20.80
C GLU C 215 20.43 27.94 21.75
N LEU C 216 19.90 29.16 21.63
CA LEU C 216 20.23 30.27 22.56
C LEU C 216 19.52 29.99 23.89
N ILE C 217 18.30 29.45 23.82
CA ILE C 217 17.59 29.15 25.06
C ILE C 217 18.35 28.04 25.74
N MET C 218 18.74 27.03 24.97
CA MET C 218 19.51 25.92 25.56
C MET C 218 20.91 26.35 26.06
N GLY C 219 21.59 27.21 25.29
CA GLY C 219 22.94 27.63 25.61
C GLY C 219 22.98 28.42 26.92
N ALA C 220 21.97 29.28 27.09
CA ALA C 220 21.94 30.20 28.17
C ALA C 220 21.53 29.46 29.42
N ILE C 221 20.61 28.48 29.25
CA ILE C 221 20.19 27.67 30.37
C ILE C 221 21.37 26.84 30.84
N LEU C 222 22.04 26.16 29.91
CA LEU C 222 23.23 25.40 30.26
C LEU C 222 24.27 26.29 30.95
N ALA C 223 24.56 27.42 30.28
CA ALA C 223 25.53 28.38 30.73
C ALA C 223 25.22 28.89 32.14
N PHE C 224 23.93 28.99 32.47
CA PHE C 224 23.53 29.43 33.82
C PHE C 224 23.82 28.33 34.84
N VAL C 225 23.34 27.13 34.55
CA VAL C 225 23.56 25.99 35.39
C VAL C 225 25.05 25.74 35.62
N LEU C 226 25.85 25.83 34.56
CA LEU C 226 27.30 25.75 34.73
C LEU C 226 27.89 26.84 35.67
N VAL C 227 27.29 28.03 35.67
CA VAL C 227 27.76 29.09 36.54
C VAL C 227 27.53 28.65 37.98
N LYS C 228 26.34 28.18 38.29
CA LYS C 228 26.00 27.92 39.68
C LYS C 228 26.61 26.65 40.21
N ILE C 229 26.64 25.58 39.45
CA ILE C 229 27.07 24.33 40.02
C ILE C 229 28.59 24.20 40.03
N THR C 230 29.27 25.07 39.28
CA THR C 230 30.74 25.02 39.22
C THR C 230 31.43 26.16 40.02
N GLY C 231 30.99 27.39 39.84
CA GLY C 231 31.59 28.51 40.50
C GLY C 231 32.66 29.14 39.62
N VAL C 232 32.91 28.54 38.45
CA VAL C 232 33.84 29.09 37.46
C VAL C 232 33.41 30.50 37.08
N ASP C 233 34.38 31.31 36.67
CA ASP C 233 34.14 32.74 36.45
C ASP C 233 33.13 33.04 35.36
N ARG C 234 32.21 33.94 35.68
CA ARG C 234 31.15 34.33 34.77
C ARG C 234 31.77 34.89 33.49
N GLU C 235 32.87 35.60 33.61
CA GLU C 235 33.52 36.19 32.45
C GLU C 235 33.85 35.09 31.40
N VAL C 236 34.35 33.95 31.89
CA VAL C 236 34.76 32.88 31.01
C VAL C 236 33.56 32.11 30.49
N ILE C 237 32.60 31.82 31.37
CA ILE C 237 31.38 31.13 30.94
C ILE C 237 30.65 31.89 29.81
N GLU C 238 30.38 33.17 30.03
CA GLU C 238 29.69 34.00 29.06
C GLU C 238 30.49 34.12 27.76
N LYS C 239 31.81 34.20 27.84
CA LYS C 239 32.66 34.25 26.65
C LYS C 239 32.43 33.00 25.80
N TRP C 240 32.52 31.83 26.43
CA TRP C 240 32.19 30.53 25.81
C TRP C 240 30.77 30.52 25.22
N LEU C 241 29.81 30.96 26.01
CA LEU C 241 28.42 31.07 25.55
C LEU C 241 28.29 31.75 24.19
N TYR C 242 28.84 32.96 24.07
CA TYR C 242 28.76 33.75 22.83
C TYR C 242 29.37 33.01 21.64
N VAL C 243 30.46 32.28 21.90
CA VAL C 243 31.11 31.46 20.88
C VAL C 243 30.11 30.39 20.37
N ILE C 244 29.47 29.71 21.33
CA ILE C 244 28.49 28.67 21.06
C ILE C 244 27.40 29.20 20.17
N ILE C 245 26.67 30.22 20.62
CA ILE C 245 25.63 30.81 19.75
C ILE C 245 26.11 31.46 18.43
N ALA C 246 27.29 32.07 18.42
CA ALA C 246 27.86 32.57 17.17
C ALA C 246 27.93 31.42 16.13
N MET C 247 28.55 30.32 16.52
CA MET C 247 28.66 29.18 15.64
C MET C 247 27.27 28.64 15.21
N ALA C 248 26.32 28.60 16.15
CA ALA C 248 24.94 28.14 15.92
C ALA C 248 24.30 28.90 14.79
N LEU C 249 24.33 30.23 14.86
CA LEU C 249 23.62 30.99 13.84
C LEU C 249 24.37 31.13 12.50
N ILE C 250 25.69 31.24 12.57
CA ILE C 250 26.54 31.30 11.35
C ILE C 250 26.29 30.10 10.42
N SER C 251 26.15 28.92 11.02
CA SER C 251 25.76 27.69 10.30
C SER C 251 24.24 27.51 10.13
N GLY C 252 23.48 27.70 11.22
CA GLY C 252 22.02 27.54 11.23
C GLY C 252 21.15 28.33 10.25
N ILE C 253 21.31 29.66 10.22
CA ILE C 253 20.51 30.53 9.34
C ILE C 253 20.43 29.99 7.88
N ILE C 254 21.56 29.93 7.20
CA ILE C 254 21.62 29.43 5.83
C ILE C 254 21.48 27.89 5.83
N GLY C 255 21.71 27.28 6.98
CA GLY C 255 21.48 25.84 7.18
C GLY C 255 20.04 25.36 7.01
N THR C 256 19.06 26.28 7.11
CA THR C 256 17.64 26.00 6.83
C THR C 256 17.53 25.25 5.50
N GLY C 257 18.55 25.43 4.67
CA GLY C 257 18.62 24.93 3.33
C GLY C 257 18.57 23.43 3.23
N HIS C 258 18.87 22.73 4.32
CA HIS C 258 18.81 21.24 4.26
C HIS C 258 17.36 20.68 4.24
N HIS C 259 16.39 21.56 4.54
CA HIS C 259 14.97 21.24 4.35
C HIS C 259 14.43 21.72 3.01
N TYR C 260 15.30 22.39 2.26
CA TYR C 260 14.92 23.05 1.02
C TYR C 260 15.31 22.27 -0.23
N PHE C 261 15.80 21.04 -0.05
CA PHE C 261 16.24 20.23 -1.20
C PHE C 261 15.05 19.79 -2.13
N TRP C 262 14.02 19.20 -1.54
CA TRP C 262 13.06 18.41 -2.32
C TRP C 262 11.65 19.01 -2.36
N ILE C 263 11.47 20.21 -1.82
CA ILE C 263 10.14 20.81 -1.76
C ILE C 263 9.77 21.62 -3.04
N GLY C 264 10.75 21.79 -3.94
CA GLY C 264 10.55 22.56 -5.16
C GLY C 264 11.03 24.01 -5.17
N VAL C 265 11.86 24.40 -4.20
CA VAL C 265 12.63 25.63 -4.31
C VAL C 265 13.93 25.33 -5.11
N PRO C 266 14.62 26.38 -5.63
CA PRO C 266 15.68 26.16 -6.64
C PRO C 266 16.89 25.38 -6.18
N GLY C 267 17.61 24.85 -7.17
CA GLY C 267 18.61 23.82 -6.96
C GLY C 267 19.82 24.24 -6.18
N TYR C 268 20.14 25.54 -6.27
CA TYR C 268 21.30 26.13 -5.59
C TYR C 268 21.27 25.92 -4.06
N TRP C 269 20.08 25.59 -3.53
CA TRP C 269 19.92 25.25 -2.11
C TRP C 269 20.56 23.93 -1.74
N LEU C 270 20.65 23.01 -2.71
CA LEU C 270 21.36 21.75 -2.53
C LEU C 270 22.80 21.99 -2.11
N TRP C 271 23.42 22.96 -2.79
CA TRP C 271 24.78 23.35 -2.47
C TRP C 271 24.81 24.10 -1.16
N LEU C 272 24.02 25.17 -1.09
CA LEU C 272 24.05 26.06 0.05
C LEU C 272 23.72 25.32 1.34
N GLY C 273 22.62 24.58 1.28
CA GLY C 273 22.12 23.77 2.38
C GLY C 273 23.09 22.74 2.93
N SER C 274 23.67 21.89 2.06
CA SER C 274 24.68 20.88 2.51
C SER C 274 25.95 21.45 3.19
N VAL C 275 26.53 22.50 2.59
CA VAL C 275 27.78 23.09 3.07
C VAL C 275 27.54 23.70 4.45
N PHE C 276 26.52 24.55 4.56
CA PHE C 276 26.27 25.22 5.82
C PHE C 276 25.86 24.24 6.92
N SER C 277 25.07 23.24 6.58
CA SER C 277 24.69 22.14 7.51
C SER C 277 25.84 21.30 8.06
N ALA C 278 26.84 21.02 7.23
CA ALA C 278 27.96 20.22 7.65
C ALA C 278 28.71 20.85 8.84
N LEU C 279 28.62 22.19 8.98
CA LEU C 279 29.19 22.93 10.15
C LEU C 279 28.24 23.00 11.35
N GLU C 280 26.96 22.64 11.17
CA GLU C 280 25.94 22.70 12.24
C GLU C 280 26.20 21.80 13.45
N PRO C 281 26.99 20.72 13.26
CA PRO C 281 27.37 19.98 14.46
C PRO C 281 28.23 20.81 15.45
N LEU C 282 29.04 21.74 14.94
CA LEU C 282 29.98 22.52 15.79
C LEU C 282 29.45 23.01 17.14
N PRO C 283 28.38 23.86 17.16
CA PRO C 283 27.85 24.37 18.45
C PRO C 283 27.69 23.31 19.52
N PHE C 284 27.25 22.13 19.10
CA PHE C 284 26.92 21.04 20.01
C PHE C 284 28.16 20.40 20.53
N PHE C 285 29.18 20.28 19.67
CA PHE C 285 30.45 19.73 20.10
C PHE C 285 31.11 20.75 21.06
N ALA C 286 31.03 22.03 20.71
CA ALA C 286 31.57 23.10 21.57
C ALA C 286 30.79 23.18 22.87
N MET C 287 29.52 22.77 22.85
CA MET C 287 28.76 22.63 24.09
C MET C 287 29.19 21.46 24.94
N VAL C 288 29.61 20.35 24.31
CA VAL C 288 30.25 19.24 25.03
C VAL C 288 31.53 19.78 25.77
N LEU C 289 32.47 20.31 25.00
CA LEU C 289 33.70 20.93 25.55
C LEU C 289 33.35 21.94 26.64
N PHE C 290 32.39 22.83 26.35
CA PHE C 290 31.85 23.77 27.34
C PHE C 290 31.58 23.06 28.65
N ALA C 291 30.66 22.11 28.66
CA ALA C 291 30.27 21.46 29.89
C ALA C 291 31.39 20.62 30.50
N PHE C 292 32.08 19.81 29.70
CA PHE C 292 33.15 18.97 30.23
C PHE C 292 34.28 19.81 30.85
N ASN C 293 34.83 20.75 30.07
CA ASN C 293 35.90 21.63 30.53
C ASN C 293 35.60 22.45 31.77
N THR C 294 34.37 22.95 31.89
CA THR C 294 34.03 23.82 33.01
C THR C 294 33.49 23.05 34.23
N ILE C 295 33.03 21.82 34.02
CA ILE C 295 32.77 20.93 35.15
C ILE C 295 34.13 20.38 35.60
N ASN C 296 35.09 20.38 34.68
CA ASN C 296 36.41 19.81 34.93
C ASN C 296 37.23 20.66 35.89
N ARG C 297 37.40 21.93 35.59
CA ARG C 297 38.08 22.80 36.51
C ARG C 297 37.05 23.63 37.30
N ARG C 298 36.67 23.18 38.50
CA ARG C 298 35.66 23.88 39.30
C ARG C 298 36.09 24.23 40.73
N ARG C 299 35.50 25.28 41.28
CA ARG C 299 35.79 25.72 42.64
C ARG C 299 35.20 24.79 43.71
N ARG C 300 33.95 24.37 43.50
CA ARG C 300 33.19 23.65 44.54
C ARG C 300 32.72 22.26 44.15
N ASP C 301 32.33 21.50 45.17
CA ASP C 301 31.74 20.16 45.04
C ASP C 301 30.24 20.29 45.33
N TYR C 302 29.43 20.25 44.26
CA TYR C 302 27.98 20.51 44.35
C TYR C 302 27.25 19.32 45.00
N PRO C 303 26.52 19.58 46.12
CA PRO C 303 25.72 18.57 46.88
C PRO C 303 24.70 17.79 46.06
N ASN C 304 24.27 18.36 44.92
CA ASN C 304 23.48 17.64 43.92
C ASN C 304 24.34 17.15 42.75
N ARG C 305 24.75 15.88 42.79
CA ARG C 305 25.56 15.28 41.70
C ARG C 305 24.75 14.85 40.45
N ALA C 306 23.42 14.82 40.58
CA ALA C 306 22.56 14.63 39.44
C ALA C 306 22.63 15.77 38.40
N VAL C 307 22.66 17.04 38.83
CA VAL C 307 22.74 18.20 37.90
C VAL C 307 23.90 18.09 36.95
N ALA C 308 25.09 17.82 37.50
CA ALA C 308 26.29 17.61 36.71
C ALA C 308 26.18 16.45 35.71
N LEU C 309 25.44 15.40 36.10
CA LEU C 309 25.14 14.31 35.20
C LEU C 309 24.34 14.89 34.04
N TRP C 310 23.12 15.37 34.33
CA TRP C 310 22.27 16.04 33.36
C TRP C 310 22.99 17.00 32.43
N ALA C 311 23.65 17.99 33.00
CA ALA C 311 24.44 18.93 32.21
C ALA C 311 25.37 18.26 31.22
N MET C 312 26.05 17.21 31.64
CA MET C 312 26.96 16.54 30.71
C MET C 312 26.21 15.70 29.68
N GLY C 313 25.19 14.98 30.15
CA GLY C 313 24.46 14.01 29.33
C GLY C 313 23.84 14.79 28.21
N THR C 314 23.32 15.99 28.53
CA THR C 314 22.70 16.86 27.54
C THR C 314 23.67 17.22 26.44
N THR C 315 24.85 17.66 26.78
CA THR C 315 25.70 18.12 25.68
C THR C 315 26.08 16.92 24.81
N VAL C 316 26.25 15.76 25.46
CA VAL C 316 26.65 14.53 24.79
C VAL C 316 25.51 14.07 23.89
N MET C 317 24.30 13.98 24.47
CA MET C 317 23.11 13.51 23.75
C MET C 317 22.74 14.40 22.59
N ALA C 318 22.68 15.72 22.84
CA ALA C 318 22.48 16.71 21.82
C ALA C 318 23.47 16.51 20.72
N PHE C 319 24.75 16.44 21.07
CA PHE C 319 25.79 16.25 20.04
C PHE C 319 25.54 14.98 19.15
N LEU C 320 25.31 13.84 19.79
CA LEU C 320 25.06 12.60 19.10
C LEU C 320 23.81 12.72 18.22
N GLY C 321 22.71 13.11 18.87
CA GLY C 321 21.40 13.29 18.21
C GLY C 321 21.31 14.37 17.13
N ALA C 322 21.47 15.64 17.53
CA ALA C 322 21.50 16.73 16.55
C ALA C 322 22.80 16.70 15.73
N GLY C 323 23.95 16.67 16.42
CA GLY C 323 25.24 16.71 15.74
C GLY C 323 25.54 15.55 14.78
N VAL C 324 25.71 14.35 15.32
CA VAL C 324 26.19 13.20 14.55
C VAL C 324 25.05 12.70 13.66
N TRP C 325 23.87 12.54 14.24
CA TRP C 325 22.74 12.03 13.48
C TRP C 325 22.20 13.02 12.46
N GLY C 326 22.21 14.30 12.78
CA GLY C 326 21.88 15.34 11.79
C GLY C 326 22.86 15.34 10.63
N PHE C 327 24.12 15.03 10.95
CA PHE C 327 25.19 15.00 9.96
C PHE C 327 25.07 13.81 9.00
N MET C 328 24.75 12.63 9.52
CA MET C 328 24.57 11.45 8.67
C MET C 328 23.65 11.72 7.48
N HIS C 329 22.59 12.45 7.70
CA HIS C 329 21.70 12.67 6.62
C HIS C 329 21.59 14.09 6.07
N THR C 330 22.51 14.95 6.45
CA THR C 330 22.37 16.36 6.05
C THR C 330 22.88 16.62 4.64
N LEU C 331 23.67 15.71 4.11
CA LEU C 331 24.26 15.93 2.79
C LEU C 331 23.29 15.59 1.64
N ALA C 332 23.01 16.58 0.79
CA ALA C 332 22.04 16.39 -0.31
C ALA C 332 22.08 15.04 -1.06
N PRO C 333 23.27 14.57 -1.53
CA PRO C 333 23.18 13.29 -2.23
C PRO C 333 22.78 12.14 -1.29
N VAL C 334 23.00 12.30 0.02
CA VAL C 334 22.61 11.29 0.98
C VAL C 334 21.15 11.48 1.41
N ASN C 335 20.73 12.71 1.66
CA ASN C 335 19.36 12.96 2.10
C ASN C 335 18.34 12.62 1.04
N TYR C 336 18.74 12.73 -0.23
CA TYR C 336 17.88 12.43 -1.38
C TYR C 336 17.24 11.05 -1.27
N TYR C 337 17.99 10.11 -0.74
CA TYR C 337 17.54 8.76 -0.54
C TYR C 337 16.90 8.62 0.85
N THR C 338 17.27 9.48 1.81
CA THR C 338 16.86 9.23 3.19
C THR C 338 15.68 10.06 3.60
N HIS C 339 15.32 11.01 2.75
CA HIS C 339 14.31 12.00 3.07
C HIS C 339 12.95 11.34 3.36
N GLY C 340 12.37 11.73 4.49
CA GLY C 340 11.08 11.23 4.97
C GLY C 340 11.10 9.73 5.23
N THR C 341 12.13 9.23 5.90
CA THR C 341 12.16 7.77 6.24
C THR C 341 12.34 7.57 7.73
N GLN C 342 12.49 6.31 8.17
CA GLN C 342 12.76 6.01 9.58
C GLN C 342 14.08 6.63 10.09
N LEU C 343 15.06 6.79 9.19
CA LEU C 343 16.20 7.64 9.53
C LEU C 343 15.74 8.95 10.15
N THR C 344 14.66 9.54 9.59
CA THR C 344 14.24 10.89 9.97
C THR C 344 13.64 10.83 11.34
N ALA C 345 12.74 9.88 11.55
CA ALA C 345 12.22 9.70 12.90
C ALA C 345 13.33 9.43 13.95
N ALA C 346 14.36 8.64 13.55
CA ALA C 346 15.52 8.35 14.40
C ALA C 346 16.23 9.68 14.90
N HIS C 347 16.66 10.51 13.92
CA HIS C 347 17.33 11.76 14.17
C HIS C 347 16.44 12.66 15.00
N GLY C 348 15.18 12.80 14.55
CA GLY C 348 14.15 13.61 15.23
C GLY C 348 14.07 13.31 16.73
N HIS C 349 14.05 12.02 17.06
CA HIS C 349 13.96 11.63 18.47
C HIS C 349 15.24 11.97 19.30
N MET C 350 16.40 11.48 18.86
CA MET C 350 17.61 11.69 19.64
C MET C 350 17.96 13.18 19.77
N ALA C 351 17.74 13.99 18.73
CA ALA C 351 17.97 15.40 18.82
C ALA C 351 16.93 16.03 19.73
N PHE C 352 15.64 15.77 19.50
CA PHE C 352 14.73 16.44 20.46
C PHE C 352 14.98 16.07 21.94
N TYR C 353 15.19 14.80 22.21
CA TYR C 353 15.46 14.37 23.58
C TYR C 353 16.81 14.91 24.11
N GLY C 354 17.88 14.65 23.36
CA GLY C 354 19.26 15.04 23.69
C GLY C 354 19.39 16.53 24.03
N ALA C 355 18.92 17.42 23.17
CA ALA C 355 19.08 18.86 23.40
C ALA C 355 18.02 19.39 24.32
N TYR C 356 16.74 19.04 24.09
CA TYR C 356 15.62 19.78 24.70
C TYR C 356 14.95 19.17 25.92
N ALA C 357 14.41 17.96 25.80
CA ALA C 357 13.99 17.24 27.00
C ALA C 357 15.09 17.32 28.03
N MET C 358 16.29 16.86 27.68
CA MET C 358 17.42 16.87 28.62
C MET C 358 17.79 18.24 29.26
N ILE C 359 17.83 19.30 28.46
CA ILE C 359 18.18 20.61 28.99
C ILE C 359 17.11 20.99 29.98
N VAL C 360 15.88 20.62 29.68
CA VAL C 360 14.81 20.97 30.58
C VAL C 360 15.02 20.20 31.86
N MET C 361 15.06 18.85 31.79
CA MET C 361 15.33 18.05 33.00
C MET C 361 16.56 18.54 33.84
N THR C 362 17.57 19.11 33.18
CA THR C 362 18.77 19.64 33.82
C THR C 362 18.46 20.82 34.76
N ILE C 363 17.86 21.88 34.22
CA ILE C 363 17.39 23.01 35.00
C ILE C 363 16.37 22.68 36.11
N ILE C 364 15.55 21.62 35.91
CA ILE C 364 14.61 21.16 36.92
C ILE C 364 15.37 20.45 38.01
N SER C 365 16.38 19.64 37.63
CA SER C 365 17.28 19.05 38.60
C SER C 365 17.94 20.10 39.54
N TYR C 366 18.45 21.19 38.96
CA TYR C 366 19.06 22.26 39.73
C TYR C 366 18.09 23.01 40.63
N ALA C 367 16.95 23.42 40.06
CA ALA C 367 16.11 24.48 40.67
C ALA C 367 14.94 23.99 41.50
N MET C 368 14.47 22.77 41.24
CA MET C 368 13.35 22.18 41.99
C MET C 368 13.63 22.02 43.50
N PRO C 369 14.81 21.51 43.86
CA PRO C 369 15.07 21.35 45.29
C PRO C 369 14.89 22.67 46.07
N ARG C 370 15.49 23.74 45.57
CA ARG C 370 15.42 25.02 46.25
C ARG C 370 14.10 25.72 45.99
N LEU C 371 13.39 25.25 44.98
CA LEU C 371 12.10 25.79 44.65
C LEU C 371 11.04 25.31 45.65
N ARG C 372 11.30 24.18 46.30
CA ARG C 372 10.37 23.59 47.28
C ARG C 372 10.82 23.85 48.72
N GLY C 373 11.96 24.53 48.86
CA GLY C 373 12.51 24.83 50.17
C GLY C 373 13.17 23.65 50.84
N ILE C 374 13.60 22.66 50.04
CA ILE C 374 14.30 21.49 50.57
C ILE C 374 15.80 21.78 50.68
N GLY C 375 16.26 22.78 49.92
CA GLY C 375 17.66 23.22 49.95
C GLY C 375 18.36 23.04 48.62
N GLU C 376 19.70 23.01 48.65
CA GLU C 376 20.53 22.85 47.46
C GLU C 376 20.32 21.53 46.67
N ALA C 377 20.20 20.43 47.43
CA ALA C 377 20.07 19.08 46.91
C ALA C 377 18.98 18.29 47.66
N MET C 378 18.84 17.01 47.33
CA MET C 378 17.83 16.13 47.93
C MET C 378 18.56 15.07 48.73
N ASP C 379 17.83 14.27 49.53
CA ASP C 379 18.45 13.20 50.32
C ASP C 379 19.13 12.22 49.38
N ASN C 380 20.27 11.66 49.77
CA ASN C 380 21.00 10.76 48.87
C ASN C 380 20.17 9.54 48.33
N ARG C 381 19.04 9.27 48.96
CA ARG C 381 18.08 8.25 48.50
C ARG C 381 17.30 8.74 47.22
N SER C 382 16.97 10.04 47.19
CA SER C 382 16.31 10.68 46.04
C SER C 382 17.26 11.04 44.91
N GLN C 383 18.56 10.99 45.15
CA GLN C 383 19.51 11.30 44.09
C GLN C 383 19.82 10.08 43.25
N VAL C 384 19.89 8.92 43.89
CA VAL C 384 20.24 7.68 43.20
C VAL C 384 19.12 7.22 42.25
N LEU C 385 17.86 7.49 42.60
CA LEU C 385 16.73 7.27 41.69
C LEU C 385 16.84 8.17 40.47
N GLU C 386 17.08 9.47 40.68
CA GLU C 386 17.17 10.45 39.60
C GLU C 386 18.17 9.98 38.53
N MET C 387 19.32 9.46 38.95
CA MET C 387 20.34 8.97 38.01
C MET C 387 19.97 7.62 37.38
N TRP C 388 19.20 6.82 38.11
CA TRP C 388 18.61 5.63 37.53
C TRP C 388 17.63 6.06 36.48
N GLY C 389 16.81 7.05 36.81
CA GLY C 389 15.97 7.80 35.86
C GLY C 389 16.75 8.30 34.64
N PHE C 390 17.76 9.13 34.86
CA PHE C 390 18.63 9.57 33.78
C PHE C 390 19.04 8.45 32.83
N TRP C 391 19.87 7.52 33.33
CA TRP C 391 20.43 6.44 32.52
C TRP C 391 19.40 5.61 31.76
N LEU C 392 18.27 5.34 32.39
CA LEU C 392 17.30 4.49 31.76
C LEU C 392 16.74 5.19 30.53
N MET C 393 16.30 6.43 30.75
CA MET C 393 15.75 7.23 29.69
C MET C 393 16.82 7.36 28.64
N THR C 394 17.96 7.90 29.03
CA THR C 394 19.01 8.15 28.07
C THR C 394 19.36 6.91 27.23
N VAL C 395 19.51 5.76 27.91
CA VAL C 395 19.98 4.55 27.27
C VAL C 395 18.85 3.90 26.44
N ALA C 396 17.63 3.94 26.99
CA ALA C 396 16.43 3.56 26.24
C ALA C 396 16.40 4.37 24.94
N MET C 397 16.51 5.70 25.01
CA MET C 397 16.51 6.53 23.82
C MET C 397 17.58 6.17 22.83
N VAL C 398 18.82 5.97 23.28
CA VAL C 398 19.88 5.59 22.33
C VAL C 398 19.52 4.30 21.65
N PHE C 399 18.91 3.37 22.37
CA PHE C 399 18.49 2.11 21.75
C PHE C 399 17.36 2.38 20.75
N ILE C 400 16.39 3.20 21.15
CA ILE C 400 15.31 3.60 20.27
C ILE C 400 15.92 4.09 18.98
N THR C 401 16.83 5.04 19.05
CA THR C 401 17.33 5.60 17.79
C THR C 401 18.15 4.59 17.00
N LEU C 402 18.83 3.68 17.71
CA LEU C 402 19.55 2.59 17.07
C LEU C 402 18.59 1.71 16.20
N PHE C 403 17.57 1.17 16.86
CA PHE C 403 16.60 0.35 16.20
C PHE C 403 16.00 1.03 14.98
N LEU C 404 15.66 2.30 15.15
CA LEU C 404 15.06 3.07 14.09
C LEU C 404 16.00 3.33 12.90
N SER C 405 17.27 3.65 13.17
CA SER C 405 18.28 3.81 12.10
C SER C 405 18.42 2.50 11.31
N ALA C 406 18.32 1.37 12.02
CA ALA C 406 18.41 0.08 11.38
C ALA C 406 17.22 -0.06 10.43
N ALA C 407 16.00 0.16 10.97
CA ALA C 407 14.78 0.15 10.17
C ALA C 407 14.92 1.11 8.96
N GLY C 408 15.50 2.27 9.22
CA GLY C 408 15.76 3.28 8.22
C GLY C 408 16.68 2.83 7.11
N VAL C 409 17.82 2.23 7.45
CA VAL C 409 18.77 1.92 6.40
C VAL C 409 18.14 0.83 5.59
N LEU C 410 17.54 -0.11 6.30
CA LEU C 410 16.90 -1.23 5.59
C LEU C 410 15.80 -0.68 4.64
N GLN C 411 15.09 0.39 5.08
CA GLN C 411 14.06 1.02 4.28
C GLN C 411 14.62 1.66 3.01
N VAL C 412 15.68 2.46 3.16
CA VAL C 412 16.39 3.09 2.04
C VAL C 412 16.92 2.03 1.06
N TRP C 413 17.40 0.95 1.65
CA TRP C 413 17.87 -0.19 0.92
C TRP C 413 16.79 -0.78 0.00
N LEU C 414 15.69 -1.23 0.61
CA LEU C 414 14.61 -1.95 -0.07
C LEU C 414 13.72 -1.08 -0.91
N GLN C 415 13.49 0.16 -0.43
CA GLN C 415 12.52 1.07 -1.04
C GLN C 415 13.11 2.13 -2.00
N ARG C 416 14.14 2.82 -1.55
CA ARG C 416 14.66 4.00 -2.25
C ARG C 416 15.74 3.66 -3.28
N MET C 417 16.59 2.69 -2.98
CA MET C 417 17.75 2.46 -3.86
C MET C 417 17.47 1.72 -5.23
N PRO C 418 16.80 0.56 -5.22
CA PRO C 418 16.55 -0.15 -6.52
C PRO C 418 15.72 0.63 -7.53
N ALA C 419 15.69 0.14 -8.77
CA ALA C 419 14.96 0.82 -9.88
C ALA C 419 13.44 0.56 -9.84
N ASP C 420 12.66 1.26 -10.67
CA ASP C 420 11.25 0.94 -10.75
C ASP C 420 11.12 -0.55 -11.02
N GLY C 421 10.24 -1.22 -10.28
CA GLY C 421 10.09 -2.68 -10.38
C GLY C 421 11.02 -3.53 -9.50
N ALA C 422 12.16 -2.95 -9.15
CA ALA C 422 13.11 -3.67 -8.35
C ALA C 422 12.88 -3.32 -6.90
N ALA C 423 12.43 -2.09 -6.68
CA ALA C 423 12.20 -1.51 -5.36
C ALA C 423 10.91 -2.04 -4.75
N MET C 424 10.94 -2.42 -3.48
CA MET C 424 9.74 -2.75 -2.73
C MET C 424 8.74 -1.61 -2.56
N THR C 425 7.44 -1.93 -2.48
CA THR C 425 6.36 -0.94 -2.25
C THR C 425 6.41 -0.50 -0.81
N PHE C 426 5.80 0.64 -0.50
CA PHE C 426 5.84 1.16 0.89
C PHE C 426 5.41 0.14 1.96
N MET C 427 4.22 -0.42 1.78
CA MET C 427 3.67 -1.37 2.75
C MET C 427 4.51 -2.59 2.81
N ALA C 428 4.94 -3.09 1.65
CA ALA C 428 5.75 -4.33 1.66
C ALA C 428 7.01 -4.13 2.51
N THR C 429 7.70 -3.00 2.33
CA THR C 429 8.98 -2.83 2.99
C THR C 429 8.75 -2.60 4.45
N GLN C 430 7.61 -2.03 4.81
CA GLN C 430 7.26 -1.87 6.24
C GLN C 430 7.17 -3.24 6.94
N ASP C 431 6.61 -4.21 6.25
CA ASP C 431 6.52 -5.54 6.80
C ASP C 431 7.92 -6.04 7.12
N GLN C 432 8.90 -5.76 6.25
CA GLN C 432 10.25 -6.28 6.54
C GLN C 432 10.84 -5.61 7.80
N LEU C 433 10.35 -4.41 8.13
CA LEU C 433 10.96 -3.62 9.20
C LEU C 433 10.44 -4.03 10.55
N ALA C 434 9.51 -5.01 10.56
CA ALA C 434 8.69 -5.35 11.73
C ALA C 434 9.43 -5.60 13.03
N ILE C 435 10.44 -6.44 12.99
CA ILE C 435 11.24 -6.73 14.17
C ILE C 435 11.87 -5.44 14.79
N PHE C 436 12.36 -4.53 13.92
CA PHE C 436 12.93 -3.28 14.44
C PHE C 436 11.87 -2.46 15.11
N TYR C 437 10.67 -2.48 14.54
CA TYR C 437 9.54 -1.77 15.15
C TYR C 437 9.17 -2.35 16.49
N TRP C 438 9.25 -3.68 16.62
CA TRP C 438 8.98 -4.31 17.91
C TRP C 438 10.01 -3.95 19.00
N LEU C 439 11.30 -4.14 18.69
CA LEU C 439 12.40 -3.75 19.55
C LEU C 439 12.31 -2.26 19.98
N ARG C 440 11.83 -1.42 19.08
CA ARG C 440 11.62 -0.05 19.41
C ARG C 440 10.52 0.11 20.46
N GLU C 441 9.42 -0.63 20.33
CA GLU C 441 8.44 -0.62 21.41
C GLU C 441 9.04 -1.03 22.74
N GLY C 442 9.78 -2.13 22.71
CA GLY C 442 10.53 -2.56 23.88
C GLY C 442 11.30 -1.41 24.52
N ALA C 443 12.20 -0.83 23.74
CA ALA C 443 13.00 0.32 24.12
C ALA C 443 12.15 1.46 24.66
N GLY C 444 10.97 1.62 24.09
CA GLY C 444 10.04 2.62 24.55
C GLY C 444 9.50 2.29 25.92
N VAL C 445 9.24 1.01 26.16
CA VAL C 445 8.81 0.56 27.49
C VAL C 445 9.91 0.80 28.56
N VAL C 446 11.15 0.42 28.25
CA VAL C 446 12.32 0.69 29.09
C VAL C 446 12.42 2.18 29.35
N PHE C 447 11.94 3.00 28.41
CA PHE C 447 11.94 4.45 28.59
C PHE C 447 10.85 4.95 29.53
N LEU C 448 9.61 4.52 29.34
CA LEU C 448 8.56 4.84 30.29
C LEU C 448 8.98 4.48 31.71
N ILE C 449 9.31 3.19 31.92
CA ILE C 449 9.83 2.75 33.24
C ILE C 449 10.88 3.77 33.76
N GLY C 450 11.82 4.14 32.88
CA GLY C 450 12.84 5.14 33.12
C GLY C 450 12.28 6.47 33.57
N LEU C 451 11.23 6.97 32.91
CA LEU C 451 10.61 8.26 33.29
C LEU C 451 9.97 8.17 34.66
N VAL C 452 9.25 7.07 34.91
CA VAL C 452 8.58 6.86 36.19
C VAL C 452 9.61 6.90 37.35
N ALA C 453 10.68 6.12 37.18
CA ALA C 453 11.83 6.15 38.10
C ALA C 453 12.21 7.59 38.41
N TYR C 454 12.46 8.37 37.37
CA TYR C 454 12.86 9.76 37.51
C TYR C 454 11.84 10.58 38.26
N LEU C 455 10.56 10.39 37.94
CA LEU C 455 9.53 11.17 38.61
C LEU C 455 9.48 10.82 40.10
N LEU C 456 9.62 9.53 40.42
CA LEU C 456 9.62 9.04 41.81
C LEU C 456 10.84 9.48 42.62
N SER C 457 11.90 9.91 41.95
CA SER C 457 13.03 10.49 42.67
C SER C 457 12.70 11.81 43.37
N PHE C 458 11.41 12.10 43.56
CA PHE C 458 11.00 13.13 44.54
C PHE C 458 9.56 13.11 45.08
N PHE D 5 41.84 36.75 23.22
CA PHE D 5 40.43 36.37 22.89
C PHE D 5 39.45 36.73 24.02
N THR D 6 38.82 37.90 23.94
CA THR D 6 37.90 38.34 24.99
C THR D 6 36.45 37.91 24.74
N LYS D 7 35.60 38.25 25.71
CA LYS D 7 34.16 38.12 25.60
C LYS D 7 33.63 39.09 24.54
N GLY D 8 34.38 40.14 24.24
CA GLY D 8 33.93 41.17 23.31
C GLY D 8 33.99 40.79 21.83
N MET D 9 35.10 40.17 21.44
CA MET D 9 35.29 39.74 20.06
C MET D 9 34.38 38.57 19.78
N ALA D 10 34.03 37.81 20.82
CA ALA D 10 33.05 36.75 20.69
C ALA D 10 31.67 37.34 20.41
N ARG D 11 31.22 38.25 21.28
CA ARG D 11 29.92 38.95 21.18
C ARG D 11 29.74 39.66 19.85
N ASN D 12 30.84 40.15 19.28
CA ASN D 12 30.82 40.86 17.97
C ASN D 12 30.75 39.96 16.75
N ILE D 13 31.48 38.83 16.80
CA ILE D 13 31.38 37.75 15.81
C ILE D 13 29.96 37.19 15.82
N TYR D 14 29.37 37.06 17.02
CA TYR D 14 27.97 36.72 17.18
C TYR D 14 27.06 37.73 16.47
N PHE D 15 27.13 39.01 16.85
CA PHE D 15 26.28 40.06 16.24
C PHE D 15 26.40 40.12 14.70
N GLY D 16 27.60 40.39 14.22
CA GLY D 16 27.86 40.69 12.81
C GLY D 16 27.71 39.49 11.93
N GLY D 17 28.32 38.38 12.35
CA GLY D 17 28.10 37.07 11.74
C GLY D 17 26.61 36.77 11.56
N SER D 18 25.82 36.96 12.64
CA SER D 18 24.35 36.81 12.61
C SER D 18 23.65 37.76 11.65
N VAL D 19 23.68 39.06 11.94
CA VAL D 19 23.06 40.10 11.08
C VAL D 19 23.47 40.03 9.61
N PHE D 20 24.66 39.51 9.34
CA PHE D 20 25.09 39.26 7.97
C PHE D 20 24.27 38.14 7.36
N PHE D 21 24.23 36.98 8.01
CA PHE D 21 23.53 35.86 7.42
C PHE D 21 22.01 36.02 7.35
N ILE D 22 21.38 36.75 8.30
CA ILE D 22 19.92 37.02 8.19
C ILE D 22 19.61 37.80 6.92
N LEU D 23 20.41 38.83 6.65
CA LEU D 23 20.28 39.59 5.39
C LEU D 23 20.53 38.72 4.15
N LEU D 24 21.63 37.95 4.15
CA LEU D 24 21.88 37.00 3.07
C LEU D 24 20.73 35.97 2.93
N PHE D 25 20.05 35.67 4.02
CA PHE D 25 18.97 34.71 3.96
C PHE D 25 17.69 35.31 3.36
N LEU D 26 17.35 36.54 3.75
CA LEU D 26 16.18 37.24 3.20
C LEU D 26 16.38 37.46 1.72
N ALA D 27 17.61 37.77 1.35
CA ALA D 27 17.99 37.98 -0.03
C ALA D 27 17.71 36.72 -0.86
N LEU D 28 18.06 35.57 -0.31
CA LEU D 28 17.88 34.29 -0.97
C LEU D 28 16.43 33.83 -0.99
N THR D 29 15.66 34.20 0.02
CA THR D 29 14.25 33.89 0.03
C THR D 29 13.47 34.76 -0.96
N TYR D 30 13.85 36.02 -1.10
CA TYR D 30 13.28 36.89 -2.13
C TYR D 30 13.51 36.28 -3.53
N HIS D 31 14.76 35.93 -3.83
CA HIS D 31 15.17 35.32 -5.09
C HIS D 31 14.42 34.01 -5.34
N THR D 32 14.32 33.22 -4.28
CA THR D 32 13.58 31.95 -4.33
C THR D 32 12.07 32.17 -4.52
N GLU D 33 11.49 33.13 -3.79
CA GLU D 33 10.05 33.34 -3.92
C GLU D 33 9.65 33.96 -5.26
N LYS D 34 10.63 34.38 -6.05
CA LYS D 34 10.37 34.79 -7.42
C LYS D 34 10.42 33.58 -8.33
N THR D 35 11.19 32.56 -7.92
CA THR D 35 11.37 31.38 -8.76
C THR D 35 10.16 30.45 -8.82
N LEU D 36 9.33 30.46 -7.78
CA LEU D 36 8.28 29.46 -7.58
C LEU D 36 7.24 29.33 -8.71
N PRO D 37 6.65 30.46 -9.18
CA PRO D 37 5.61 30.39 -10.19
C PRO D 37 5.91 29.40 -11.33
N GLU D 38 7.15 29.36 -11.81
CA GLU D 38 7.50 28.43 -12.87
C GLU D 38 7.88 27.05 -12.33
N ARG D 39 8.66 27.01 -11.26
CA ARG D 39 9.04 25.73 -10.60
C ARG D 39 7.84 24.87 -10.21
N THR D 40 6.82 25.48 -9.63
CA THR D 40 5.63 24.77 -9.14
C THR D 40 4.47 24.78 -10.14
N ASN D 41 4.63 25.44 -11.30
CA ASN D 41 3.56 25.58 -12.32
C ASN D 41 2.28 26.24 -11.80
N GLU D 42 2.43 27.44 -11.23
CA GLU D 42 1.35 28.10 -10.48
C GLU D 42 0.17 28.47 -11.35
N ALA D 43 0.46 28.72 -12.62
CA ALA D 43 -0.58 28.99 -13.61
C ALA D 43 -1.60 27.84 -13.63
N ALA D 44 -1.10 26.61 -13.64
CA ALA D 44 -1.93 25.42 -13.52
C ALA D 44 -2.41 25.13 -12.07
N MET D 45 -2.01 25.95 -11.09
CA MET D 45 -2.54 25.81 -9.74
C MET D 45 -3.95 26.38 -9.63
N SER D 46 -4.96 25.56 -9.94
CA SER D 46 -6.33 26.05 -9.99
C SER D 46 -7.11 26.04 -8.67
N ALA D 47 -8.40 26.35 -8.77
CA ALA D 47 -9.23 26.60 -7.59
C ALA D 47 -9.49 25.26 -6.99
N ALA D 48 -9.57 24.28 -7.88
CA ALA D 48 -9.74 22.91 -7.47
C ALA D 48 -8.56 22.45 -6.58
N VAL D 49 -7.33 22.66 -7.04
CA VAL D 49 -6.18 22.17 -6.33
C VAL D 49 -6.08 22.91 -5.02
N VAL D 50 -6.36 24.20 -5.04
CA VAL D 50 -6.33 25.00 -3.83
C VAL D 50 -7.41 24.50 -2.87
N ARG D 51 -8.55 24.07 -3.42
CA ARG D 51 -9.67 23.57 -2.62
C ARG D 51 -9.35 22.18 -2.06
N GLY D 52 -8.45 21.52 -2.75
CA GLY D 52 -7.96 20.25 -2.32
C GLY D 52 -6.91 20.33 -1.25
N LYS D 53 -6.04 21.34 -1.31
CA LYS D 53 -5.03 21.55 -0.29
C LYS D 53 -5.76 21.71 1.03
N LEU D 54 -7.03 22.10 0.93
CA LEU D 54 -7.83 22.33 2.12
C LEU D 54 -8.29 21.02 2.68
N VAL D 55 -8.71 20.13 1.79
CA VAL D 55 -9.24 18.82 2.22
C VAL D 55 -8.12 18.02 2.89
N TRP D 56 -6.92 18.13 2.30
CA TRP D 56 -5.72 17.49 2.76
C TRP D 56 -5.41 17.98 4.17
N GLU D 57 -5.53 19.29 4.40
CA GLU D 57 -5.24 19.88 5.70
C GLU D 57 -6.31 19.56 6.71
N GLN D 58 -7.56 19.59 6.29
CA GLN D 58 -8.64 19.47 7.26
C GLN D 58 -8.73 18.11 7.80
N ASN D 59 -8.22 17.14 7.03
CA ASN D 59 -8.31 15.74 7.40
C ASN D 59 -7.02 15.15 7.91
N ASN D 60 -5.93 15.94 7.84
CA ASN D 60 -4.63 15.58 8.41
C ASN D 60 -3.96 14.35 7.71
N CYS D 61 -4.10 14.27 6.38
CA CYS D 61 -3.39 13.25 5.60
C CYS D 61 -1.94 13.16 6.06
N VAL D 62 -1.40 14.34 6.31
CA VAL D 62 -0.01 14.51 6.70
C VAL D 62 0.28 13.77 7.97
N GLY D 63 -0.74 13.49 8.77
CA GLY D 63 -0.55 12.74 10.02
C GLY D 63 -0.29 11.24 9.88
N CYS D 64 -0.36 10.74 8.63
CA CYS D 64 -0.01 9.36 8.36
C CYS D 64 0.92 9.28 7.16
N HIS D 65 0.69 10.17 6.18
CA HIS D 65 1.45 10.17 4.93
C HIS D 65 2.56 11.21 4.90
N THR D 66 3.43 11.09 3.89
CA THR D 66 4.37 12.16 3.50
C THR D 66 3.93 12.71 2.15
N LEU D 67 4.08 14.02 2.01
CA LEU D 67 3.89 14.73 0.77
C LEU D 67 5.25 15.32 0.44
N LEU D 68 5.79 14.92 -0.71
CA LEU D 68 7.16 15.29 -1.09
C LEU D 68 8.14 15.00 0.07
N GLY D 69 7.93 13.87 0.72
CA GLY D 69 8.88 13.39 1.70
C GLY D 69 8.77 14.01 3.09
N GLU D 70 7.76 14.85 3.31
CA GLU D 70 7.51 15.41 4.61
C GLU D 70 6.14 15.02 5.08
N GLY D 71 6.02 14.61 6.35
CA GLY D 71 4.73 14.28 6.99
C GLY D 71 4.94 13.14 7.96
N ALA D 72 3.97 12.21 8.08
CA ALA D 72 4.19 11.01 8.92
C ALA D 72 4.78 9.86 8.09
N TYR D 73 5.38 8.89 8.79
CA TYR D 73 6.01 7.77 8.11
C TYR D 73 5.20 6.44 8.25
N PHE D 74 3.92 6.60 8.60
CA PHE D 74 3.03 5.48 8.84
C PHE D 74 2.47 4.86 7.54
N ALA D 75 2.31 5.69 6.48
CA ALA D 75 1.69 5.29 5.20
C ALA D 75 2.43 5.87 3.99
N PRO D 76 2.05 5.45 2.79
CA PRO D 76 2.89 5.73 1.60
C PRO D 76 3.04 7.21 1.31
N GLU D 77 4.06 7.53 0.48
CA GLU D 77 4.34 8.94 0.06
C GLU D 77 3.31 9.31 -0.97
N LEU D 78 2.50 10.34 -0.75
CA LEU D 78 1.47 10.69 -1.75
C LEU D 78 1.84 11.73 -2.89
N GLY D 79 3.03 12.34 -2.80
CA GLY D 79 3.52 13.19 -3.87
C GLY D 79 3.49 12.48 -5.23
N ASN D 80 3.71 11.14 -5.23
CA ASN D 80 3.77 10.45 -6.50
C ASN D 80 2.85 9.25 -6.55
N VAL D 81 1.80 9.28 -5.73
CA VAL D 81 0.84 8.15 -5.78
C VAL D 81 0.18 8.02 -7.16
N VAL D 82 -0.04 9.14 -7.84
CA VAL D 82 -0.65 9.11 -9.17
C VAL D 82 -0.04 8.04 -10.03
N GLY D 83 1.29 7.92 -9.97
CA GLY D 83 2.03 6.99 -10.82
C GLY D 83 1.86 5.55 -10.39
N ARG D 84 1.23 5.32 -9.27
CA ARG D 84 1.01 3.96 -8.86
C ARG D 84 -0.44 3.52 -9.04
N ARG D 85 -1.33 4.46 -9.31
CA ARG D 85 -2.73 4.09 -9.51
C ARG D 85 -3.28 4.45 -10.90
N GLY D 86 -2.85 3.71 -11.93
CA GLY D 86 -3.30 3.95 -13.32
C GLY D 86 -3.25 5.40 -13.80
N GLY D 87 -2.19 6.09 -13.41
CA GLY D 87 -1.79 7.37 -14.01
C GLY D 87 -2.72 8.56 -13.97
N GLU D 88 -2.31 9.58 -14.72
CA GLU D 88 -3.03 10.83 -14.91
C GLU D 88 -4.54 10.66 -15.23
N GLU D 89 -4.83 9.99 -16.36
CA GLU D 89 -6.18 9.94 -16.93
C GLU D 89 -7.18 9.35 -15.94
N GLY D 90 -6.88 8.18 -15.38
CA GLY D 90 -7.79 7.53 -14.42
C GLY D 90 -7.77 7.85 -12.93
N PHE D 91 -6.89 8.74 -12.48
CA PHE D 91 -6.67 8.91 -11.04
C PHE D 91 -7.86 9.44 -10.24
N ASN D 92 -8.57 10.41 -10.76
CA ASN D 92 -9.70 10.96 -10.03
C ASN D 92 -10.69 9.86 -9.69
N THR D 93 -11.05 9.07 -10.72
CA THR D 93 -11.96 7.92 -10.56
C THR D 93 -11.44 6.91 -9.51
N PHE D 94 -10.16 6.56 -9.58
CA PHE D 94 -9.56 5.74 -8.53
C PHE D 94 -9.79 6.30 -7.13
N LEU D 95 -9.48 7.61 -6.96
CA LEU D 95 -9.46 8.20 -5.66
C LEU D 95 -10.89 8.15 -5.12
N GLN D 96 -11.87 8.30 -6.00
CA GLN D 96 -13.25 8.21 -5.56
C GLN D 96 -13.48 6.86 -4.89
N ALA D 97 -13.07 5.79 -5.55
CA ALA D 97 -13.26 4.46 -5.00
C ALA D 97 -12.42 4.33 -3.74
N TRP D 98 -11.15 4.71 -3.86
CA TRP D 98 -10.21 4.53 -2.78
C TRP D 98 -10.78 5.13 -1.52
N MET D 99 -11.28 6.36 -1.60
CA MET D 99 -11.75 7.01 -0.36
C MET D 99 -13.01 6.33 0.19
N LYS D 100 -13.81 5.69 -0.68
CA LYS D 100 -15.09 5.17 -0.20
C LYS D 100 -14.96 3.79 0.43
N ILE D 101 -14.00 3.00 -0.04
CA ILE D 101 -13.83 1.68 0.50
C ILE D 101 -13.14 1.60 1.86
N GLN D 102 -12.44 2.66 2.30
CA GLN D 102 -11.70 2.62 3.60
C GLN D 102 -12.69 2.47 4.73
N PRO D 103 -12.27 1.83 5.85
CA PRO D 103 -11.00 1.17 6.04
C PRO D 103 -11.16 -0.21 5.45
N LEU D 104 -10.06 -0.87 5.08
CA LEU D 104 -10.07 -2.12 4.30
C LEU D 104 -10.36 -3.36 5.16
N ASN D 105 -10.04 -3.29 6.42
CA ASN D 105 -10.36 -4.30 7.39
C ASN D 105 -9.58 -5.59 7.25
N VAL D 106 -8.37 -5.48 6.70
CA VAL D 106 -7.52 -6.67 6.70
C VAL D 106 -6.86 -6.74 8.08
N PRO D 107 -7.10 -7.84 8.80
CA PRO D 107 -6.61 -8.01 10.17
C PRO D 107 -5.13 -7.75 10.26
N GLY D 108 -4.73 -6.91 11.22
CA GLY D 108 -3.33 -6.62 11.49
C GLY D 108 -2.79 -5.47 10.64
N ARG D 109 -3.46 -5.12 9.55
CA ARG D 109 -2.91 -4.13 8.61
C ARG D 109 -3.18 -2.69 9.07
N ARG D 110 -2.17 -1.83 8.92
CA ARG D 110 -2.37 -0.38 9.15
C ARG D 110 -3.62 0.08 8.41
N ALA D 111 -4.48 0.80 9.12
CA ALA D 111 -5.78 1.17 8.63
C ALA D 111 -5.96 2.69 8.32
N MET D 112 -6.74 2.98 7.29
CA MET D 112 -7.01 4.34 6.90
C MET D 112 -8.46 4.70 7.28
N PRO D 113 -8.67 5.87 7.91
CA PRO D 113 -10.02 6.29 8.35
C PRO D 113 -11.01 6.45 7.22
N GLN D 114 -12.31 6.30 7.49
CA GLN D 114 -13.32 6.77 6.55
C GLN D 114 -13.65 8.26 6.79
N PHE D 115 -13.38 9.09 5.81
CA PHE D 115 -13.51 10.50 6.00
C PHE D 115 -14.84 11.03 5.49
N HIS D 116 -15.66 10.19 4.88
CA HIS D 116 -17.02 10.61 4.49
C HIS D 116 -17.04 11.85 3.61
N LEU D 117 -16.10 11.96 2.69
CA LEU D 117 -15.93 13.19 1.92
C LEU D 117 -16.84 13.11 0.72
N SER D 118 -17.35 14.26 0.31
CA SER D 118 -18.31 14.34 -0.77
C SER D 118 -17.57 14.05 -2.04
N GLU D 119 -18.33 13.75 -3.11
CA GLU D 119 -17.75 13.51 -4.41
C GLU D 119 -16.91 14.68 -4.85
N GLY D 120 -17.46 15.87 -4.64
CA GLY D 120 -16.77 17.11 -4.92
C GLY D 120 -15.44 17.26 -4.21
N GLN D 121 -15.41 17.00 -2.91
CA GLN D 121 -14.18 17.10 -2.13
C GLN D 121 -13.10 16.10 -2.61
N VAL D 122 -13.51 14.89 -2.98
CA VAL D 122 -12.52 13.90 -3.38
C VAL D 122 -11.96 14.30 -4.72
N ASP D 123 -12.79 14.94 -5.53
CA ASP D 123 -12.31 15.45 -6.80
C ASP D 123 -11.28 16.60 -6.72
N ASP D 124 -11.43 17.43 -5.71
CA ASP D 124 -10.48 18.51 -5.51
C ASP D 124 -9.18 17.93 -5.01
N LEU D 125 -9.32 17.02 -4.06
CA LEU D 125 -8.24 16.27 -3.44
C LEU D 125 -7.37 15.61 -4.50
N ALA D 126 -8.05 15.05 -5.51
CA ALA D 126 -7.38 14.40 -6.64
C ALA D 126 -6.58 15.40 -7.50
N GLU D 127 -7.17 16.57 -7.73
CA GLU D 127 -6.47 17.62 -8.47
C GLU D 127 -5.27 18.12 -7.69
N PHE D 128 -5.45 18.35 -6.39
CA PHE D 128 -4.36 18.70 -5.49
C PHE D 128 -3.16 17.76 -5.70
N LEU D 129 -3.44 16.47 -5.60
CA LEU D 129 -2.37 15.52 -5.62
C LEU D 129 -1.71 15.41 -6.99
N LYS D 130 -2.51 15.58 -8.05
CA LYS D 130 -1.96 15.58 -9.39
C LYS D 130 -1.02 16.76 -9.58
N TRP D 131 -1.47 17.94 -9.15
CA TRP D 131 -0.66 19.15 -9.21
C TRP D 131 0.65 18.96 -8.46
N SER D 132 0.53 18.57 -7.19
CA SER D 132 1.66 18.27 -6.30
C SER D 132 2.71 17.40 -6.95
N SER D 133 2.25 16.36 -7.63
CA SER D 133 3.15 15.44 -8.33
C SER D 133 3.98 16.07 -9.45
N LYS D 134 3.49 17.15 -10.05
CA LYS D 134 4.19 17.81 -11.15
C LYS D 134 5.06 19.02 -10.74
N ILE D 135 5.26 19.22 -9.44
CA ILE D 135 6.24 20.19 -8.92
C ILE D 135 7.68 19.68 -9.16
N ASP D 136 8.60 20.61 -9.47
CA ASP D 136 9.99 20.26 -9.75
C ASP D 136 10.67 20.16 -8.43
N THR D 137 10.85 18.94 -7.96
CA THR D 137 11.41 18.65 -6.66
C THR D 137 12.85 18.21 -6.84
N ASN D 138 13.47 18.68 -7.91
CA ASN D 138 14.85 18.31 -8.25
C ASN D 138 14.95 16.80 -8.21
N GLN D 139 14.02 16.18 -8.95
CA GLN D 139 14.02 14.76 -9.25
C GLN D 139 13.76 13.83 -8.03
N TRP D 140 13.13 14.36 -6.98
CA TRP D 140 12.71 13.53 -5.86
C TRP D 140 11.26 13.04 -6.10
N PRO D 141 10.95 11.75 -5.76
CA PRO D 141 11.78 10.75 -5.09
C PRO D 141 12.59 9.92 -6.03
N PRO D 142 13.46 9.08 -5.49
CA PRO D 142 14.32 8.25 -6.31
C PRO D 142 13.59 7.40 -7.36
N ASN D 143 12.38 6.93 -7.02
CA ASN D 143 11.63 6.04 -7.95
C ASN D 143 10.10 6.15 -7.84
N LYS D 144 9.39 5.16 -8.40
CA LYS D 144 7.91 5.18 -8.52
C LYS D 144 7.27 4.99 -7.15
N GLU D 145 8.04 4.49 -6.19
CA GLU D 145 7.51 4.08 -4.88
C GLU D 145 7.47 5.15 -3.82
N GLY D 146 8.12 6.29 -4.04
CA GLY D 146 8.15 7.38 -3.08
C GLY D 146 9.03 7.05 -1.89
CHA HEM E . 7.07 11.20 16.53
CHB HEM E . 6.97 7.06 18.95
CHC HEM E . 9.16 8.99 22.67
CHD HEM E . 9.89 12.95 20.04
C1A HEM E . 6.85 9.89 16.84
C2A HEM E . 6.20 8.87 16.02
C3A HEM E . 6.18 7.73 16.71
C4A HEM E . 6.84 8.00 17.97
CMA HEM E . 5.60 6.37 16.26
CAA HEM E . 5.63 9.12 14.60
CBA HEM E . 6.27 8.28 13.52
CGA HEM E . 5.63 8.70 12.24
O1A HEM E . 5.30 7.83 11.38
O2A HEM E . 5.46 9.95 12.09
C1B HEM E . 7.53 7.19 20.17
C2B HEM E . 7.55 6.18 21.20
C3B HEM E . 8.17 6.73 22.22
C4B HEM E . 8.53 8.09 21.87
CMB HEM E . 7.07 4.70 21.15
CAB HEM E . 8.44 6.00 23.55
CBB HEM E . 8.70 6.72 24.62
C1C HEM E . 9.51 10.27 22.31
C2C HEM E . 10.29 11.17 23.13
C3C HEM E . 10.50 12.27 22.43
C4C HEM E . 9.93 12.06 21.08
CMC HEM E . 10.76 10.98 24.61
CAC HEM E . 11.26 13.51 23.02
CBC HEM E . 11.84 14.43 22.24
C1D HEM E . 9.22 12.86 18.85
C2D HEM E . 9.35 13.77 17.72
C3D HEM E . 8.47 13.22 16.64
C4D HEM E . 7.91 12.02 17.20
CMD HEM E . 10.15 15.07 17.55
CAD HEM E . 8.25 13.84 15.27
CBD HEM E . 8.36 12.82 14.16
CGD HEM E . 9.22 13.37 13.05
O1D HEM E . 10.19 12.69 12.59
O2D HEM E . 8.96 14.51 12.60
NA HEM E . 7.23 9.34 18.04
NB HEM E . 8.09 8.35 20.60
NC HEM E . 9.31 10.86 21.07
ND HEM E . 8.40 11.79 18.47
FE HEM E . 8.21 10.13 19.50
CHA HEM F . 15.00 16.55 10.29
CHB HEM F . 14.85 17.72 14.92
CHC HEM F . 19.34 19.38 14.60
CHD HEM F . 19.65 17.93 10.02
C1A HEM F . 14.56 16.73 11.56
C2A HEM F . 13.25 16.42 12.08
C3A HEM F . 13.21 16.74 13.38
C4A HEM F . 14.53 17.24 13.72
CMA HEM F . 11.98 16.57 14.30
CAA HEM F . 12.10 15.85 11.26
CBA HEM F . 11.47 17.15 10.78
CGA HEM F . 10.19 16.76 10.15
O1A HEM F . 10.18 16.70 8.90
O2A HEM F . 9.20 16.51 10.90
C1B HEM F . 16.05 18.31 15.24
C2B HEM F . 16.36 18.96 16.51
C3B HEM F . 17.60 19.39 16.43
C4B HEM F . 18.11 19.08 15.11
CMB HEM F . 15.49 19.01 17.78
CAB HEM F . 18.33 20.11 17.58
CBB HEM F . 19.34 20.91 17.24
C1C HEM F . 19.81 19.12 13.33
C2C HEM F . 21.18 19.36 12.90
C3C HEM F . 21.27 18.97 11.62
C4C HEM F . 19.99 18.45 11.22
CMC HEM F . 22.31 20.00 13.80
CAC HEM F . 22.53 19.02 10.71
CBC HEM F . 23.63 18.33 11.10
C1D HEM F . 18.42 17.46 9.68
C2D HEM F . 18.05 17.20 8.32
C3D HEM F . 16.59 16.76 8.36
C4D HEM F . 16.22 16.85 9.76
CMD HEM F . 18.94 17.30 7.07
CAD HEM F . 15.74 16.35 7.14
CBD HEM F . 15.28 14.91 7.23
CGD HEM F . 14.64 14.47 5.91
O1D HEM F . 13.80 13.50 5.97
O2D HEM F . 14.99 15.07 4.83
NA HEM F . 15.32 17.25 12.60
NB HEM F . 17.12 18.47 14.39
NC HEM F . 19.12 18.54 12.27
ND HEM F . 17.33 17.33 10.47
FE HEM F . 17.20 17.95 12.37
FE FE G . 17.12 21.55 10.28
CL CL H . 15.67 20.25 11.89
CA CA I . 7.77 14.47 10.03
FE HEC J . -4.20 7.22 3.56
CHA HEC J . -3.24 4.56 1.56
CHB HEC J . -5.01 8.98 0.70
CHC HEC J . -5.27 9.92 5.45
CHD HEC J . -3.37 5.52 6.30
NA HEC J . -4.18 6.82 1.55
C1A HEC J . -3.65 5.71 0.95
C2A HEC J . -3.59 5.91 -0.45
C3A HEC J . -4.08 7.12 -0.73
C4A HEC J . -4.49 7.71 0.54
CMA HEC J . -4.20 7.78 -2.14
CAA HEC J . -3.01 4.87 -1.39
CBA HEC J . -1.52 5.07 -1.40
CGA HEC J . -0.77 4.08 -2.27
O1A HEC J . -1.45 3.35 -3.09
O2A HEC J . 0.49 4.02 -2.16
NB HEC J . -4.99 9.11 3.17
C1B HEC J . -5.24 9.61 1.90
C2B HEC J . -5.88 10.89 2.05
C3B HEC J . -5.95 11.19 3.35
C4B HEC J . -5.40 10.07 4.08
CMB HEC J . -6.31 11.73 0.84
CAB HEC J . -6.53 12.49 3.96
CBB HEC J . -8.01 12.62 3.60
NC HEC J . -4.29 7.63 5.45
C1C HEC J . -4.75 8.79 6.06
C2C HEC J . -4.59 8.69 7.49
C3C HEC J . -4.09 7.48 7.78
C4C HEC J . -3.89 6.80 6.49
CMC HEC J . -5.02 9.79 8.44
CAC HEC J . -3.72 6.92 9.22
CBC HEC J . -4.72 7.06 10.37
ND HEC J . -3.43 5.35 3.87
C1D HEC J . -3.19 4.84 5.13
C2D HEC J . -2.75 3.46 5.06
C3D HEC J . -2.72 3.16 3.56
C4D HEC J . -3.14 4.40 2.91
CMD HEC J . -2.42 2.54 6.25
CAD HEC J . -2.34 1.84 2.90
CBD HEC J . -3.37 0.84 3.40
CGD HEC J . -3.28 -0.42 2.59
O1D HEC J . -3.83 -1.40 3.09
O2D HEC J . -2.64 -0.45 1.53
#